data_6G8H
#
_entry.id   6G8H
#
_cell.length_a   118.709
_cell.length_b   118.709
_cell.length_c   78.354
_cell.angle_alpha   90.000
_cell.angle_beta   90.000
_cell.angle_gamma   90.000
#
_symmetry.space_group_name_H-M   'P 43'
#
loop_
_entity.id
_entity.type
_entity.pdbx_description
1 polymer 'Transcriptional regulatory protein'
2 non-polymer '2-[N-CYCLOHEXYLAMINO]ETHANE SULFONIC ACID'
3 non-polymer R-naringenin
4 non-polymer NARINGENIN
#
_entity_poly.entity_id   1
_entity_poly.type   'polypeptide(L)'
_entity_poly.pdbx_seq_one_letter_code
;AGRK(MSE)DIVIRAAWQLFLEQGFSATS(MSE)DAIAKAAGVSKATLYAYFPSKEALFASLIVAECESLQRDLPVPKLS
AGLSEALRDFARQYLHTFIHRKDVAFVRIIANESGRFPVLARLFYESGPEATIRRLAQFLEEARAARVLEFDDP(MSE)E
AANQFLSLVRGELPLLIVLGLSDLTEEAIEQEIEAGLKFFLKACQPR
;
_entity_poly.pdbx_strand_id   CCC,DDD,AAA,BBB
#
# COMPACT_ATOMS: atom_id res chain seq x y z
N GLY A 2 -16.04 50.11 -7.61
CA GLY A 2 -16.86 51.31 -7.28
C GLY A 2 -17.91 51.02 -6.22
N ARG A 3 -19.13 51.54 -6.41
CA ARG A 3 -20.15 51.67 -5.35
C ARG A 3 -20.27 50.34 -4.57
N LYS A 4 -21.11 49.44 -5.09
CA LYS A 4 -21.66 48.25 -4.41
C LYS A 4 -20.56 47.21 -4.29
N ASP A 6 -17.47 46.57 -3.60
CA ASP A 6 -16.51 46.26 -2.54
C ASP A 6 -17.23 45.66 -1.33
N ILE A 7 -18.48 46.02 -1.08
CA ILE A 7 -19.29 45.42 0.02
C ILE A 7 -19.58 43.97 -0.37
N VAL A 8 -19.93 43.73 -1.63
CA VAL A 8 -20.18 42.35 -2.17
C VAL A 8 -18.90 41.50 -1.99
N ILE A 9 -17.75 41.99 -2.45
CA ILE A 9 -16.43 41.30 -2.28
C ILE A 9 -16.24 40.89 -0.81
N ARG A 10 -16.38 41.83 0.13
CA ARG A 10 -16.05 41.58 1.55
C ARG A 10 -17.08 40.59 2.10
N ALA A 11 -18.34 40.70 1.72
CA ALA A 11 -19.40 39.79 2.21
C ALA A 11 -19.09 38.37 1.75
N ALA A 12 -18.63 38.21 0.51
CA ALA A 12 -18.29 36.90 -0.11
C ALA A 12 -17.04 36.32 0.55
N TRP A 13 -16.02 37.12 0.76
CA TRP A 13 -14.79 36.69 1.48
C TRP A 13 -15.18 36.07 2.84
N GLN A 14 -16.02 36.76 3.62
CA GLN A 14 -16.54 36.30 4.94
C GLN A 14 -17.18 34.92 4.75
N LEU A 15 -18.09 34.73 3.81
CA LEU A 15 -18.80 33.43 3.66
C LEU A 15 -17.85 32.34 3.18
N PHE A 16 -16.93 32.63 2.29
CA PHE A 16 -15.96 31.64 1.76
C PHE A 16 -15.10 31.11 2.90
N LEU A 17 -14.65 32.00 3.78
CA LEU A 17 -13.84 31.62 4.99
C LEU A 17 -14.70 30.77 5.92
N GLU A 18 -15.93 31.19 6.28
CA GLU A 18 -16.79 30.48 7.26
C GLU A 18 -17.15 29.09 6.72
N GLN A 19 -17.68 29.05 5.49
CA GLN A 19 -18.43 27.89 4.94
C GLN A 19 -17.68 27.15 3.81
N GLY A 20 -16.67 27.77 3.18
CA GLY A 20 -16.05 27.26 1.95
C GLY A 20 -16.68 27.84 0.70
N PHE A 21 -16.10 27.57 -0.47
CA PHE A 21 -16.51 28.16 -1.75
C PHE A 21 -17.78 27.46 -2.23
N SER A 22 -17.75 26.13 -2.38
CA SER A 22 -18.88 25.29 -2.87
C SER A 22 -20.13 25.47 -1.98
N ALA A 23 -19.96 25.53 -0.67
CA ALA A 23 -21.08 25.62 0.28
C ALA A 23 -21.74 27.00 0.23
N THR A 24 -21.09 28.03 -0.33
CA THR A 24 -21.62 29.42 -0.34
C THR A 24 -22.43 29.66 -1.64
N SER A 25 -23.63 30.23 -1.51
CA SER A 25 -24.52 30.48 -2.67
C SER A 25 -24.51 31.97 -2.97
N ASP A 27 -27.06 33.49 -3.58
CA ASP A 27 -28.21 33.88 -2.76
C ASP A 27 -27.77 34.43 -1.40
N ALA A 28 -26.96 33.67 -0.67
CA ALA A 28 -26.38 34.04 0.66
C ALA A 28 -25.49 35.28 0.54
N ILE A 29 -24.74 35.42 -0.56
CA ILE A 29 -23.79 36.55 -0.75
C ILE A 29 -24.62 37.82 -0.90
N ALA A 30 -25.66 37.76 -1.73
CA ALA A 30 -26.59 38.89 -1.97
C ALA A 30 -27.23 39.31 -0.63
N LYS A 31 -27.68 38.35 0.18
CA LYS A 31 -28.32 38.62 1.49
C LYS A 31 -27.31 39.35 2.38
N ALA A 32 -26.13 38.75 2.58
CA ALA A 32 -25.05 39.24 3.45
C ALA A 32 -24.62 40.64 3.04
N ALA A 33 -24.69 41.00 1.76
CA ALA A 33 -24.21 42.32 1.25
C ALA A 33 -25.38 43.31 1.10
N GLY A 34 -26.63 42.85 1.31
CA GLY A 34 -27.86 43.65 1.15
C GLY A 34 -28.02 44.22 -0.24
N VAL A 35 -27.97 43.37 -1.28
CA VAL A 35 -28.34 43.75 -2.67
C VAL A 35 -29.26 42.68 -3.24
N SER A 36 -29.99 43.03 -4.30
CA SER A 36 -30.83 42.10 -5.07
C SER A 36 -29.90 41.14 -5.82
N LYS A 37 -30.38 39.94 -6.14
CA LYS A 37 -29.64 39.04 -7.06
C LYS A 37 -29.43 39.74 -8.41
N ALA A 38 -30.32 40.65 -8.83
CA ALA A 38 -30.17 41.39 -10.10
C ALA A 38 -28.87 42.21 -10.06
N THR A 39 -28.68 42.96 -8.96
CA THR A 39 -27.55 43.91 -8.75
C THR A 39 -26.25 43.08 -8.69
N LEU A 40 -26.29 41.97 -7.99
CA LEU A 40 -25.13 41.06 -7.80
C LEU A 40 -24.66 40.49 -9.15
N TYR A 41 -25.59 39.97 -9.94
CA TYR A 41 -25.28 39.27 -11.21
C TYR A 41 -24.97 40.31 -12.30
N ALA A 42 -25.36 41.57 -12.09
CA ALA A 42 -25.02 42.71 -12.98
C ALA A 42 -23.54 43.03 -12.88
N TYR A 43 -22.95 42.88 -11.69
CA TYR A 43 -21.51 43.19 -11.44
C TYR A 43 -20.68 41.95 -11.71
N PHE A 44 -21.19 40.76 -11.40
CA PHE A 44 -20.47 39.46 -11.44
C PHE A 44 -21.28 38.42 -12.19
N PRO A 45 -20.74 37.88 -13.29
CA PRO A 45 -21.40 36.82 -14.06
C PRO A 45 -21.67 35.55 -13.25
N SER A 46 -20.86 35.25 -12.25
CA SER A 46 -20.92 33.94 -11.52
C SER A 46 -20.16 33.99 -10.20
N LYS A 47 -20.39 33.00 -9.35
CA LYS A 47 -19.61 32.76 -8.10
C LYS A 47 -18.13 32.61 -8.43
N GLU A 48 -17.81 31.87 -9.49
CA GLU A 48 -16.42 31.64 -9.99
C GLU A 48 -15.78 33.03 -10.29
N ALA A 49 -16.49 33.93 -10.96
CA ALA A 49 -15.97 35.27 -11.31
C ALA A 49 -15.74 36.08 -10.04
N LEU A 50 -16.58 35.93 -9.04
CA LEU A 50 -16.45 36.67 -7.77
C LEU A 50 -15.15 36.25 -7.08
N PHE A 51 -14.90 34.95 -6.98
CA PHE A 51 -13.70 34.40 -6.32
C PHE A 51 -12.47 34.86 -7.13
N ALA A 52 -12.60 34.92 -8.44
CA ALA A 52 -11.49 35.36 -9.31
C ALA A 52 -11.12 36.81 -8.97
N SER A 53 -12.10 37.70 -8.85
CA SER A 53 -11.87 39.12 -8.47
C SER A 53 -11.15 39.20 -7.11
N LEU A 54 -11.53 38.33 -6.17
CA LEU A 54 -10.95 38.22 -4.81
C LEU A 54 -9.50 37.77 -4.88
N ILE A 55 -9.21 36.73 -5.65
CA ILE A 55 -7.83 36.21 -5.85
C ILE A 55 -6.96 37.32 -6.45
N VAL A 56 -7.38 37.96 -7.53
CA VAL A 56 -6.56 38.99 -8.23
C VAL A 56 -6.30 40.14 -7.26
N ALA A 57 -7.31 40.61 -6.53
CA ALA A 57 -7.17 41.76 -5.61
C ALA A 57 -6.19 41.42 -4.49
N GLU A 58 -6.37 40.28 -3.82
CA GLU A 58 -5.54 39.81 -2.67
C GLU A 58 -4.11 39.55 -3.12
N CYS A 59 -3.90 38.93 -4.26
CA CYS A 59 -2.54 38.66 -4.78
C CYS A 59 -1.85 39.96 -5.18
N GLU A 60 -2.53 40.95 -5.76
CA GLU A 60 -1.89 42.24 -6.19
C GLU A 60 -1.40 42.95 -4.93
N SER A 61 -2.16 42.82 -3.85
CA SER A 61 -1.97 43.42 -2.51
C SER A 61 -0.77 42.77 -1.81
N LEU A 62 -0.75 41.44 -1.70
CA LEU A 62 0.42 40.69 -1.16
C LEU A 62 1.69 41.04 -1.97
N GLN A 63 1.56 41.21 -3.26
CA GLN A 63 2.70 41.54 -4.14
C GLN A 63 3.23 42.95 -3.82
N ARG A 64 2.41 43.86 -3.29
CA ARG A 64 2.83 45.27 -3.04
C ARG A 64 3.66 45.33 -1.76
N ASP A 65 3.48 44.41 -0.81
CA ASP A 65 4.32 44.23 0.41
C ASP A 65 5.70 43.59 0.10
N LEU A 66 6.09 43.45 -1.16
CA LEU A 66 7.39 42.84 -1.58
C LEU A 66 8.18 43.97 -2.24
N PRO A 67 9.47 44.21 -1.90
CA PRO A 67 10.24 45.24 -2.57
C PRO A 67 10.37 44.93 -4.08
N VAL A 68 10.81 45.92 -4.85
CA VAL A 68 11.47 45.69 -6.17
C VAL A 68 12.97 45.74 -5.89
N PRO A 69 13.69 44.62 -6.05
CA PRO A 69 15.13 44.61 -5.86
C PRO A 69 15.77 45.58 -6.87
N LYS A 70 16.69 46.42 -6.39
CA LYS A 70 17.45 47.39 -7.22
C LYS A 70 18.89 46.93 -7.22
N LEU A 71 19.46 46.66 -8.41
CA LEU A 71 20.86 46.21 -8.57
C LEU A 71 21.81 47.31 -8.05
N SER A 72 21.43 48.59 -8.24
CA SER A 72 22.19 49.79 -7.80
C SER A 72 22.44 49.75 -6.28
N ALA A 73 21.68 48.97 -5.52
CA ALA A 73 21.80 48.81 -4.04
C ALA A 73 22.87 47.78 -3.68
N GLY A 74 23.42 47.07 -4.68
CA GLY A 74 24.33 45.91 -4.44
C GLY A 74 23.58 44.59 -4.59
N LEU A 75 24.23 43.60 -5.19
CA LEU A 75 23.60 42.31 -5.50
C LEU A 75 23.15 41.64 -4.20
N SER A 76 24.08 41.33 -3.30
CA SER A 76 23.81 40.64 -2.02
C SER A 76 22.73 41.38 -1.23
N GLU A 77 22.76 42.71 -1.20
CA GLU A 77 21.88 43.49 -0.30
C GLU A 77 20.45 43.42 -0.86
N ALA A 78 20.33 43.51 -2.19
CA ALA A 78 19.03 43.42 -2.89
C ALA A 78 18.39 42.07 -2.58
N LEU A 79 19.14 40.98 -2.77
CA LEU A 79 18.66 39.60 -2.58
C LEU A 79 18.33 39.38 -1.11
N ARG A 80 19.14 39.90 -0.21
CA ARG A 80 18.94 39.70 1.23
C ARG A 80 17.66 40.42 1.63
N ASP A 81 17.40 41.62 1.12
CA ASP A 81 16.15 42.35 1.47
C ASP A 81 14.95 41.56 0.95
N PHE A 82 15.00 41.08 -0.30
CA PHE A 82 13.87 40.38 -0.97
C PHE A 82 13.58 39.09 -0.22
N ALA A 83 14.63 38.32 0.07
CA ALA A 83 14.54 37.06 0.82
C ALA A 83 13.85 37.34 2.16
N ARG A 84 14.25 38.40 2.86
CA ARG A 84 13.72 38.71 4.21
C ARG A 84 12.21 38.98 4.10
N GLN A 85 11.80 39.78 3.13
CA GLN A 85 10.38 40.18 2.99
C GLN A 85 9.57 38.94 2.55
N TYR A 86 10.16 38.07 1.74
CA TYR A 86 9.54 36.84 1.23
C TYR A 86 9.22 35.89 2.38
N LEU A 87 10.17 35.65 3.27
CA LEU A 87 9.98 34.77 4.44
C LEU A 87 9.00 35.38 5.44
N HIS A 88 8.92 36.72 5.55
CA HIS A 88 7.91 37.37 6.44
C HIS A 88 6.50 36.92 5.99
N THR A 89 6.27 36.65 4.71
CA THR A 89 4.92 36.23 4.24
C THR A 89 4.61 34.86 4.83
N PHE A 90 5.57 33.97 4.91
CA PHE A 90 5.37 32.60 5.43
C PHE A 90 5.09 32.67 6.93
N ILE A 91 5.88 33.47 7.64
CA ILE A 91 5.89 33.52 9.11
C ILE A 91 4.58 34.12 9.60
N HIS A 92 4.05 35.15 8.93
CA HIS A 92 2.74 35.80 9.27
C HIS A 92 1.54 35.17 8.52
N ARG A 93 1.74 34.04 7.82
CA ARG A 93 0.67 33.13 7.33
C ARG A 93 -0.33 33.92 6.50
N LYS A 94 0.18 34.72 5.56
CA LYS A 94 -0.62 35.65 4.73
C LYS A 94 -1.28 34.95 3.55
N ASP A 95 -0.76 33.82 3.09
CA ASP A 95 -1.34 33.05 1.96
C ASP A 95 -2.32 32.02 2.56
N VAL A 96 -2.23 31.73 3.86
CA VAL A 96 -2.75 30.45 4.44
C VAL A 96 -4.28 30.32 4.26
N ALA A 97 -5.05 31.32 4.63
CA ALA A 97 -6.52 31.27 4.54
C ALA A 97 -6.93 31.02 3.08
N PHE A 98 -6.38 31.80 2.15
CA PHE A 98 -6.68 31.69 0.70
C PHE A 98 -6.44 30.26 0.22
N VAL A 99 -5.29 29.72 0.57
CA VAL A 99 -4.85 28.40 0.07
C VAL A 99 -5.73 27.34 0.72
N ARG A 100 -6.12 27.53 1.98
CA ARG A 100 -6.99 26.55 2.66
C ARG A 100 -8.31 26.50 1.89
N ILE A 101 -8.87 27.64 1.47
CA ILE A 101 -10.17 27.65 0.75
C ILE A 101 -10.08 26.87 -0.59
N ILE A 102 -9.02 27.10 -1.35
CA ILE A 102 -8.81 26.45 -2.67
C ILE A 102 -8.50 24.95 -2.51
N ALA A 103 -7.62 24.63 -1.56
CA ALA A 103 -7.15 23.26 -1.28
C ALA A 103 -8.33 22.39 -0.85
N ASN A 104 -9.31 23.01 -0.19
CA ASN A 104 -10.48 22.30 0.39
C ASN A 104 -11.46 21.96 -0.73
N GLU A 105 -11.28 22.49 -1.93
CA GLU A 105 -12.16 22.19 -3.09
C GLU A 105 -11.65 20.91 -3.80
N SER A 106 -10.50 20.35 -3.37
CA SER A 106 -9.99 19.01 -3.77
C SER A 106 -9.92 18.88 -5.31
N GLY A 107 -9.43 19.90 -6.03
CA GLY A 107 -9.19 19.88 -7.48
C GLY A 107 -10.46 20.05 -8.31
N ARG A 108 -11.62 20.32 -7.72
CA ARG A 108 -12.86 20.64 -8.47
C ARG A 108 -12.76 21.95 -9.25
N PHE A 109 -11.85 22.89 -8.91
CA PHE A 109 -11.85 24.26 -9.51
C PHE A 109 -10.46 24.62 -10.03
N PRO A 110 -9.91 23.85 -10.98
CA PRO A 110 -8.51 24.02 -11.39
C PRO A 110 -8.16 25.39 -11.95
N VAL A 111 -9.09 26.05 -12.62
CA VAL A 111 -8.78 27.34 -13.29
C VAL A 111 -8.58 28.40 -12.20
N LEU A 112 -9.38 28.38 -11.14
CA LEU A 112 -9.20 29.24 -9.93
C LEU A 112 -7.88 28.91 -9.23
N ALA A 113 -7.60 27.62 -9.04
CA ALA A 113 -6.33 27.18 -8.42
C ALA A 113 -5.15 27.74 -9.20
N ARG A 114 -5.15 27.65 -10.51
CA ARG A 114 -3.99 28.12 -11.31
C ARG A 114 -3.97 29.66 -11.34
N LEU A 115 -5.12 30.32 -11.26
CA LEU A 115 -5.14 31.80 -11.27
C LEU A 115 -4.45 32.28 -9.98
N PHE A 116 -4.74 31.64 -8.84
CA PHE A 116 -4.06 31.93 -7.55
C PHE A 116 -2.56 31.66 -7.73
N TYR A 117 -2.18 30.52 -8.29
CA TYR A 117 -0.76 30.18 -8.44
C TYR A 117 -0.05 31.25 -9.28
N GLU A 118 -0.60 31.64 -10.42
CA GLU A 118 0.05 32.56 -11.41
C GLU A 118 0.06 33.99 -10.87
N SER A 119 -0.94 34.40 -10.11
CA SER A 119 -1.09 35.78 -9.56
C SER A 119 -0.24 35.98 -8.28
N GLY A 120 0.10 34.90 -7.59
CA GLY A 120 0.85 34.94 -6.33
C GLY A 120 2.24 34.29 -6.50
N PRO A 121 2.41 33.03 -6.08
CA PRO A 121 3.74 32.41 -6.09
C PRO A 121 4.52 32.55 -7.40
N GLU A 122 3.88 32.34 -8.57
CA GLU A 122 4.58 32.49 -9.85
C GLU A 122 4.89 33.97 -10.10
N ALA A 123 4.05 34.91 -9.65
CA ALA A 123 4.32 36.38 -9.78
C ALA A 123 5.60 36.74 -9.04
N THR A 124 5.81 36.19 -7.85
CA THR A 124 7.05 36.36 -7.04
C THR A 124 8.26 35.84 -7.83
N ILE A 125 8.15 34.68 -8.45
CA ILE A 125 9.25 34.12 -9.30
C ILE A 125 9.54 35.10 -10.44
N ARG A 126 8.52 35.60 -11.15
CA ARG A 126 8.70 36.47 -12.33
C ARG A 126 9.37 37.77 -11.92
N ARG A 127 8.96 38.40 -10.81
CA ARG A 127 9.63 39.63 -10.31
C ARG A 127 11.12 39.36 -10.07
N LEU A 128 11.44 38.28 -9.39
CA LEU A 128 12.86 38.00 -9.07
C LEU A 128 13.60 37.73 -10.37
N ALA A 129 12.99 37.01 -11.30
CA ALA A 129 13.65 36.64 -12.58
C ALA A 129 14.02 37.90 -13.35
N GLN A 130 13.17 38.92 -13.39
CA GLN A 130 13.49 40.22 -14.05
C GLN A 130 14.79 40.75 -13.43
N PHE A 131 14.86 40.78 -12.12
CA PHE A 131 16.04 41.29 -11.38
C PHE A 131 17.27 40.44 -11.70
N LEU A 132 17.12 39.11 -11.81
CA LEU A 132 18.30 38.26 -12.08
C LEU A 132 18.79 38.49 -13.54
N GLU A 133 17.89 38.81 -14.47
CA GLU A 133 18.27 39.23 -15.85
C GLU A 133 19.15 40.48 -15.81
N GLU A 134 18.77 41.51 -15.05
CA GLU A 134 19.58 42.75 -14.93
C GLU A 134 20.97 42.38 -14.44
N ALA A 135 21.06 41.51 -13.43
CA ALA A 135 22.32 41.10 -12.81
C ALA A 135 23.18 40.29 -13.79
N ARG A 136 22.55 39.46 -14.61
CA ARG A 136 23.30 38.67 -15.62
C ARG A 136 23.81 39.60 -16.71
N ALA A 137 23.00 40.57 -17.14
CA ALA A 137 23.35 41.58 -18.18
C ALA A 137 24.53 42.40 -17.66
N ALA A 138 24.57 42.72 -16.37
CA ALA A 138 25.69 43.44 -15.72
C ALA A 138 26.85 42.46 -15.41
N ARG A 139 26.78 41.22 -15.88
CA ARG A 139 27.92 40.26 -15.83
C ARG A 139 28.35 39.95 -14.38
N VAL A 140 27.42 39.94 -13.42
CA VAL A 140 27.72 39.70 -11.99
C VAL A 140 26.97 38.44 -11.46
N LEU A 141 26.19 37.77 -12.33
CA LEU A 141 25.72 36.36 -12.20
C LEU A 141 25.82 35.68 -13.57
N GLU A 142 25.99 34.35 -13.60
CA GLU A 142 25.75 33.52 -14.80
C GLU A 142 24.80 32.34 -14.47
N PHE A 143 23.87 32.09 -15.38
CA PHE A 143 22.84 31.03 -15.30
C PHE A 143 22.16 30.97 -16.67
N ASP A 144 21.58 29.83 -17.04
CA ASP A 144 20.95 29.64 -18.38
C ASP A 144 19.54 30.28 -18.41
N ASP A 145 18.66 30.01 -17.42
CA ASP A 145 17.24 30.47 -17.46
C ASP A 145 16.89 31.28 -16.20
N PRO A 146 16.41 32.53 -16.35
CA PRO A 146 16.08 33.38 -15.21
C PRO A 146 14.95 32.86 -14.29
N GLU A 148 14.06 29.57 -13.90
CA GLU A 148 14.72 28.47 -13.21
C GLU A 148 15.56 29.03 -12.03
N ALA A 149 16.37 30.06 -12.25
CA ALA A 149 17.30 30.57 -11.22
C ALA A 149 16.51 31.23 -10.10
N ALA A 150 15.42 31.96 -10.42
CA ALA A 150 14.61 32.62 -9.36
C ALA A 150 13.96 31.55 -8.47
N ASN A 151 13.49 30.47 -9.09
CA ASN A 151 12.84 29.36 -8.37
C ASN A 151 13.86 28.71 -7.41
N GLN A 152 15.10 28.56 -7.86
CA GLN A 152 16.18 27.92 -7.07
C GLN A 152 16.52 28.81 -5.89
N PHE A 153 16.65 30.12 -6.10
CA PHE A 153 16.97 31.08 -5.01
C PHE A 153 15.88 30.96 -3.93
N LEU A 154 14.62 31.02 -4.36
CA LEU A 154 13.46 31.02 -3.43
C LEU A 154 13.39 29.67 -2.72
N SER A 155 13.64 28.58 -3.42
CA SER A 155 13.67 27.23 -2.83
C SER A 155 14.76 27.15 -1.73
N LEU A 156 15.92 27.72 -1.97
CA LEU A 156 17.07 27.57 -1.05
C LEU A 156 16.75 28.31 0.25
N VAL A 157 16.23 29.52 0.11
CA VAL A 157 15.98 30.51 1.20
C VAL A 157 14.77 30.06 2.02
N ARG A 158 13.77 29.52 1.36
CA ARG A 158 12.54 28.97 1.98
C ARG A 158 12.83 27.65 2.69
N GLY A 159 13.65 26.79 2.08
CA GLY A 159 14.00 25.46 2.62
C GLY A 159 12.78 24.71 3.10
N GLU A 160 12.84 24.32 4.37
CA GLU A 160 11.88 23.51 5.14
C GLU A 160 10.93 24.41 5.93
N LEU A 161 11.17 25.73 5.94
CA LEU A 161 10.49 26.69 6.86
C LEU A 161 8.97 26.60 6.70
N PRO A 162 8.42 26.60 5.47
CA PRO A 162 6.97 26.57 5.31
C PRO A 162 6.36 25.33 5.97
N LEU A 163 7.04 24.19 5.89
CA LEU A 163 6.55 22.94 6.53
C LEU A 163 6.58 23.09 8.05
N LEU A 164 7.67 23.56 8.60
CA LEU A 164 7.79 23.75 10.07
C LEU A 164 6.67 24.70 10.54
N ILE A 165 6.36 25.73 9.75
CA ILE A 165 5.38 26.76 10.17
C ILE A 165 4.00 26.11 10.21
N VAL A 166 3.66 25.45 9.13
CA VAL A 166 2.33 24.80 8.96
C VAL A 166 2.13 23.69 10.01
N LEU A 167 3.18 23.01 10.45
CA LEU A 167 3.10 21.95 11.49
C LEU A 167 3.08 22.57 12.89
N GLY A 168 3.16 23.89 13.02
CA GLY A 168 3.34 24.58 14.31
C GLY A 168 4.62 24.24 15.03
N LEU A 169 5.74 24.06 14.36
CA LEU A 169 7.05 23.79 15.04
C LEU A 169 8.02 24.93 14.79
N SER A 170 7.65 25.96 14.03
CA SER A 170 8.53 27.12 13.83
C SER A 170 8.04 28.26 14.70
N ASP A 171 8.96 28.78 15.48
CA ASP A 171 8.94 30.15 16.07
C ASP A 171 10.36 30.71 15.84
N LEU A 172 10.54 31.64 14.91
CA LEU A 172 11.89 32.06 14.44
C LEU A 172 12.23 33.43 15.04
N THR A 173 13.36 33.52 15.77
CA THR A 173 13.95 34.83 16.17
C THR A 173 14.43 35.54 14.90
N GLU A 174 14.60 36.87 14.95
CA GLU A 174 15.13 37.65 13.80
C GLU A 174 16.52 37.11 13.41
N GLU A 175 17.32 36.69 14.41
CA GLU A 175 18.71 36.22 14.16
C GLU A 175 18.69 34.91 13.37
N ALA A 176 17.70 34.05 13.63
CA ALA A 176 17.53 32.73 13.00
C ALA A 176 17.08 32.91 11.53
N ILE A 177 16.25 33.92 11.28
CA ILE A 177 15.83 34.29 9.90
C ILE A 177 17.07 34.73 9.10
N GLU A 178 17.94 35.58 9.64
CA GLU A 178 19.12 36.07 8.88
C GLU A 178 20.03 34.88 8.56
N GLN A 179 20.04 33.84 9.40
CA GLN A 179 20.93 32.66 9.21
C GLN A 179 20.39 31.82 8.05
N GLU A 180 19.07 31.61 8.01
CA GLU A 180 18.34 30.91 6.91
C GLU A 180 18.62 31.62 5.60
N ILE A 181 18.56 32.95 5.60
CA ILE A 181 18.76 33.75 4.36
C ILE A 181 20.22 33.67 3.92
N GLU A 182 21.14 33.79 4.86
CA GLU A 182 22.59 33.83 4.56
C GLU A 182 23.04 32.50 3.96
N ALA A 183 22.48 31.39 4.42
CA ALA A 183 22.84 30.01 4.00
C ALA A 183 22.37 29.78 2.56
N GLY A 184 21.13 30.19 2.28
CA GLY A 184 20.52 30.07 0.95
C GLY A 184 21.24 30.95 -0.03
N LEU A 185 21.57 32.15 0.39
CA LEU A 185 22.27 33.15 -0.44
C LEU A 185 23.70 32.70 -0.74
N LYS A 186 24.43 32.23 0.28
CA LYS A 186 25.81 31.69 0.17
C LYS A 186 25.80 30.65 -0.95
N PHE A 187 24.81 29.77 -0.92
CA PHE A 187 24.76 28.58 -1.80
C PHE A 187 24.47 29.03 -3.22
N PHE A 188 23.52 29.93 -3.35
CA PHE A 188 23.06 30.48 -4.64
C PHE A 188 24.23 31.15 -5.35
N LEU A 189 24.99 31.94 -4.60
CA LEU A 189 26.17 32.67 -5.13
C LEU A 189 27.30 31.69 -5.45
N LYS A 190 27.54 30.65 -4.64
CA LYS A 190 28.58 29.64 -4.99
C LYS A 190 28.27 29.09 -6.39
N ALA A 191 27.00 28.99 -6.76
CA ALA A 191 26.58 28.32 -8.02
C ALA A 191 26.52 29.32 -9.19
N CYS A 192 26.36 30.62 -8.95
CA CYS A 192 26.00 31.61 -10.01
C CYS A 192 27.04 32.72 -10.20
N GLN A 193 27.89 33.01 -9.22
CA GLN A 193 28.97 34.02 -9.36
C GLN A 193 30.02 33.52 -10.34
N PRO A 194 30.56 34.42 -11.20
CA PRO A 194 31.73 34.09 -12.01
C PRO A 194 32.92 33.64 -11.15
N ARG A 195 33.55 32.50 -11.53
CA ARG A 195 34.52 31.70 -10.74
C ARG A 195 35.93 31.88 -11.35
N ALA B 1 -3.43 -8.00 18.78
CA ALA B 1 -4.16 -9.24 18.31
C ALA B 1 -4.18 -9.30 16.76
N GLY B 2 -5.33 -9.10 16.07
CA GLY B 2 -5.66 -9.76 14.77
C GLY B 2 -6.12 -8.80 13.67
N ARG B 3 -7.19 -9.14 12.93
CA ARG B 3 -7.52 -8.46 11.63
C ARG B 3 -8.27 -7.14 11.83
N LYS B 4 -8.91 -6.94 12.98
CA LYS B 4 -9.67 -5.73 13.34
C LYS B 4 -8.72 -4.58 13.56
N ASP B 6 -6.05 -3.74 11.67
CA ASP B 6 -5.80 -3.12 10.36
C ASP B 6 -7.09 -2.52 9.81
N ILE B 7 -8.25 -3.08 10.16
CA ILE B 7 -9.58 -2.50 9.82
C ILE B 7 -9.71 -1.18 10.58
N VAL B 8 -9.36 -1.15 11.86
CA VAL B 8 -9.40 0.09 12.71
C VAL B 8 -8.50 1.15 12.07
N ILE B 9 -7.25 0.83 11.75
CA ILE B 9 -6.32 1.79 11.09
C ILE B 9 -6.97 2.39 9.82
N ARG B 10 -7.49 1.54 8.94
CA ARG B 10 -8.01 1.99 7.62
C ARG B 10 -9.25 2.86 7.87
N ALA B 11 -10.09 2.47 8.82
CA ALA B 11 -11.34 3.22 9.11
C ALA B 11 -10.95 4.61 9.62
N ALA B 12 -9.95 4.67 10.49
CA ALA B 12 -9.46 5.90 11.15
C ALA B 12 -8.80 6.80 10.12
N TRP B 13 -7.93 6.26 9.26
CA TRP B 13 -7.28 7.06 8.22
C TRP B 13 -8.37 7.77 7.38
N GLN B 14 -9.39 7.03 6.92
CA GLN B 14 -10.51 7.57 6.13
C GLN B 14 -11.13 8.76 6.88
N LEU B 15 -11.48 8.62 8.15
CA LEU B 15 -12.16 9.70 8.89
C LEU B 15 -11.22 10.88 9.10
N PHE B 16 -9.95 10.66 9.39
CA PHE B 16 -8.97 11.75 9.66
C PHE B 16 -8.82 12.59 8.40
N LEU B 17 -8.74 11.93 7.24
CA LEU B 17 -8.64 12.63 5.94
C LEU B 17 -9.93 13.43 5.68
N GLU B 18 -11.12 12.84 5.80
CA GLU B 18 -12.36 13.54 5.35
C GLU B 18 -12.69 14.62 6.39
N GLN B 19 -12.54 14.37 7.70
CA GLN B 19 -13.07 15.26 8.77
C GLN B 19 -11.99 15.99 9.58
N GLY B 20 -10.73 15.55 9.54
CA GLY B 20 -9.68 16.02 10.47
C GLY B 20 -9.55 15.17 11.74
N PHE B 21 -8.51 15.39 12.53
CA PHE B 21 -8.14 14.51 13.65
C PHE B 21 -9.06 14.77 14.85
N SER B 22 -9.15 16.01 15.33
CA SER B 22 -9.98 16.41 16.49
C SER B 22 -11.46 16.20 16.18
N ALA B 23 -11.90 16.41 14.95
CA ALA B 23 -13.31 16.23 14.55
C ALA B 23 -13.70 14.73 14.54
N THR B 24 -12.75 13.81 14.57
CA THR B 24 -13.04 12.34 14.49
C THR B 24 -12.96 11.81 15.91
N SER B 25 -13.94 11.04 16.34
CA SER B 25 -13.98 10.48 17.70
C SER B 25 -13.63 9.00 17.66
N ASP B 27 -15.33 7.03 19.26
CA ASP B 27 -16.68 6.53 19.12
C ASP B 27 -17.03 6.21 17.66
N ALA B 28 -16.81 7.17 16.76
CA ALA B 28 -17.02 7.08 15.30
C ALA B 28 -16.14 5.98 14.70
N ILE B 29 -14.90 5.87 15.18
CA ILE B 29 -13.89 4.92 14.64
C ILE B 29 -14.38 3.51 14.97
N ALA B 30 -14.79 3.31 16.21
CA ALA B 30 -15.30 2.01 16.69
C ALA B 30 -16.51 1.60 15.84
N LYS B 31 -17.43 2.52 15.59
CA LYS B 31 -18.66 2.24 14.81
C LYS B 31 -18.27 1.82 13.38
N ALA B 32 -17.47 2.65 12.71
CA ALA B 32 -17.01 2.48 11.32
C ALA B 32 -16.28 1.14 11.16
N ALA B 33 -15.57 0.66 12.18
CA ALA B 33 -14.72 -0.55 12.09
C ALA B 33 -15.46 -1.76 12.71
N GLY B 34 -16.64 -1.55 13.29
CA GLY B 34 -17.49 -2.61 13.88
C GLY B 34 -16.80 -3.31 15.03
N VAL B 35 -16.31 -2.54 16.00
CA VAL B 35 -15.77 -3.10 17.28
C VAL B 35 -16.39 -2.33 18.44
N SER B 36 -16.36 -2.95 19.60
CA SER B 36 -16.70 -2.34 20.91
C SER B 36 -15.62 -1.32 21.22
N LYS B 37 -15.96 -0.31 22.02
CA LYS B 37 -14.95 0.60 22.62
C LYS B 37 -13.91 -0.21 23.41
N ALA B 38 -14.28 -1.32 24.01
CA ALA B 38 -13.34 -2.17 24.78
C ALA B 38 -12.22 -2.66 23.87
N THR B 39 -12.62 -3.24 22.70
CA THR B 39 -11.70 -3.90 21.72
C THR B 39 -10.79 -2.82 21.15
N LEU B 40 -11.38 -1.65 20.81
CA LEU B 40 -10.65 -0.50 20.22
C LEU B 40 -9.55 -0.03 21.19
N TYR B 41 -9.91 0.21 22.44
CA TYR B 41 -8.99 0.86 23.42
C TYR B 41 -7.97 -0.17 23.91
N ALA B 42 -8.26 -1.47 23.72
CA ALA B 42 -7.29 -2.56 24.00
C ALA B 42 -6.13 -2.53 22.99
N TYR B 43 -6.38 -2.15 21.75
CA TYR B 43 -5.38 -2.02 20.66
C TYR B 43 -4.65 -0.67 20.73
N PHE B 44 -5.40 0.40 21.00
CA PHE B 44 -4.86 1.79 21.04
C PHE B 44 -5.37 2.52 22.26
N PRO B 45 -4.52 2.84 23.24
CA PRO B 45 -5.05 3.37 24.50
C PRO B 45 -5.62 4.81 24.35
N SER B 46 -5.33 5.52 23.27
CA SER B 46 -5.95 6.83 22.98
C SER B 46 -5.94 7.12 21.47
N LYS B 47 -6.73 8.13 21.05
CA LYS B 47 -6.75 8.66 19.66
C LYS B 47 -5.32 9.09 19.28
N GLU B 48 -4.63 9.78 20.18
CA GLU B 48 -3.25 10.27 19.96
C GLU B 48 -2.33 9.06 19.65
N ALA B 49 -2.44 7.98 20.41
CA ALA B 49 -1.60 6.78 20.21
C ALA B 49 -1.91 6.15 18.85
N LEU B 50 -3.17 6.18 18.42
CA LEU B 50 -3.59 5.60 17.13
C LEU B 50 -2.90 6.36 16.00
N PHE B 51 -2.97 7.67 16.02
CA PHE B 51 -2.39 8.52 14.94
C PHE B 51 -0.87 8.33 14.93
N ALA B 52 -0.29 8.20 16.13
CA ALA B 52 1.16 7.97 16.29
C ALA B 52 1.54 6.66 15.60
N SER B 53 0.78 5.58 15.82
CA SER B 53 1.04 4.26 15.21
C SER B 53 1.00 4.38 13.68
N LEU B 54 0.05 5.15 13.15
CA LEU B 54 -0.18 5.39 11.72
C LEU B 54 1.02 6.15 11.13
N ILE B 55 1.46 7.21 11.81
CA ILE B 55 2.62 8.02 11.36
C ILE B 55 3.86 7.12 11.28
N VAL B 56 4.18 6.40 12.34
CA VAL B 56 5.42 5.58 12.43
C VAL B 56 5.35 4.49 11.35
N ALA B 57 4.22 3.84 11.14
CA ALA B 57 4.05 2.77 10.13
C ALA B 57 4.32 3.31 8.72
N GLU B 58 3.66 4.40 8.33
CA GLU B 58 3.80 5.01 6.98
C GLU B 58 5.24 5.53 6.78
N CYS B 59 5.81 6.20 7.76
CA CYS B 59 7.17 6.78 7.62
C CYS B 59 8.24 5.67 7.55
N GLU B 60 8.13 4.59 8.31
CA GLU B 60 9.11 3.48 8.30
C GLU B 60 9.11 2.83 6.91
N SER B 61 7.92 2.76 6.33
CA SER B 61 7.59 2.15 5.02
C SER B 61 8.15 3.00 3.89
N LEU B 62 7.83 4.30 3.86
CA LEU B 62 8.37 5.28 2.88
C LEU B 62 9.91 5.24 2.95
N GLN B 63 10.48 5.09 4.14
CA GLN B 63 11.94 5.07 4.31
C GLN B 63 12.55 3.84 3.64
N ARG B 64 11.81 2.74 3.52
CA ARG B 64 12.34 1.47 2.95
C ARG B 64 12.35 1.56 1.41
N ASP B 65 11.43 2.31 0.80
CA ASP B 65 11.33 2.58 -0.65
C ASP B 65 12.39 3.56 -1.17
N LEU B 66 13.32 3.98 -0.30
CA LEU B 66 14.36 4.96 -0.68
C LEU B 66 15.67 4.21 -0.83
N PRO B 67 16.41 4.35 -1.96
CA PRO B 67 17.70 3.67 -2.09
C PRO B 67 18.65 4.12 -0.97
N VAL B 68 19.70 3.32 -0.70
CA VAL B 68 20.86 3.83 0.07
C VAL B 68 21.94 4.08 -0.98
N PRO B 69 22.25 5.36 -1.26
CA PRO B 69 23.07 5.70 -2.41
C PRO B 69 24.48 5.13 -2.16
N LYS B 70 25.04 4.52 -3.19
CA LYS B 70 26.40 3.97 -3.23
C LYS B 70 27.16 4.83 -4.24
N LEU B 71 28.32 5.34 -3.80
CA LEU B 71 29.28 6.11 -4.62
C LEU B 71 29.77 5.25 -5.78
N SER B 72 29.83 3.91 -5.64
CA SER B 72 30.26 2.97 -6.71
C SER B 72 29.35 3.10 -7.93
N ALA B 73 28.14 3.63 -7.78
CA ALA B 73 27.13 3.81 -8.86
C ALA B 73 27.43 5.08 -9.68
N GLY B 74 28.34 5.94 -9.22
CA GLY B 74 28.60 7.28 -9.78
C GLY B 74 27.92 8.35 -8.95
N LEU B 75 28.52 9.53 -8.83
CA LEU B 75 27.98 10.60 -7.96
C LEU B 75 26.62 11.05 -8.50
N SER B 76 26.60 11.57 -9.72
CA SER B 76 25.38 12.04 -10.43
C SER B 76 24.28 10.97 -10.38
N GLU B 77 24.59 9.71 -10.61
CA GLU B 77 23.57 8.65 -10.80
C GLU B 77 22.97 8.34 -9.43
N ALA B 78 23.79 8.33 -8.39
CA ALA B 78 23.36 8.11 -6.99
C ALA B 78 22.32 9.17 -6.62
N LEU B 79 22.67 10.43 -6.83
CA LEU B 79 21.83 11.59 -6.44
C LEU B 79 20.57 11.60 -7.31
N ARG B 80 20.69 11.26 -8.59
CA ARG B 80 19.55 11.26 -9.52
C ARG B 80 18.58 10.15 -9.06
N ASP B 81 19.05 8.99 -8.66
CA ASP B 81 18.15 7.91 -8.21
C ASP B 81 17.44 8.35 -6.93
N PHE B 82 18.15 8.95 -5.98
CA PHE B 82 17.59 9.36 -4.66
C PHE B 82 16.50 10.42 -4.88
N ALA B 83 16.83 11.43 -5.67
CA ALA B 83 15.91 12.52 -6.06
C ALA B 83 14.65 11.92 -6.65
N ARG B 84 14.81 10.96 -7.58
CA ARG B 84 13.66 10.36 -8.31
C ARG B 84 12.74 9.64 -7.32
N GLN B 85 13.29 8.87 -6.41
CA GLN B 85 12.48 8.11 -5.44
C GLN B 85 11.81 9.08 -4.48
N TYR B 86 12.49 10.18 -4.15
CA TYR B 86 12.01 11.19 -3.17
C TYR B 86 10.74 11.86 -3.71
N LEU B 87 10.77 12.27 -4.98
CA LEU B 87 9.61 12.90 -5.64
C LEU B 87 8.48 11.89 -5.85
N HIS B 88 8.79 10.62 -6.11
CA HIS B 88 7.78 9.55 -6.30
C HIS B 88 7.08 9.39 -4.95
N THR B 89 7.79 9.39 -3.84
CA THR B 89 7.16 9.24 -2.50
C THR B 89 6.20 10.41 -2.24
N PHE B 90 6.54 11.61 -2.66
CA PHE B 90 5.70 12.81 -2.53
C PHE B 90 4.37 12.65 -3.24
N ILE B 91 4.46 12.25 -4.50
CA ILE B 91 3.29 12.19 -5.42
C ILE B 91 2.39 11.04 -4.98
N HIS B 92 2.96 9.87 -4.70
CA HIS B 92 2.23 8.57 -4.61
C HIS B 92 2.05 8.17 -3.13
N ARG B 93 2.18 9.07 -2.16
CA ARG B 93 2.07 8.64 -0.74
C ARG B 93 1.50 9.75 0.15
N LYS B 94 1.46 9.51 1.45
CA LYS B 94 0.54 10.21 2.38
C LYS B 94 1.20 11.45 2.98
N ASP B 95 2.48 11.78 2.73
CA ASP B 95 3.16 12.97 3.33
C ASP B 95 2.26 14.23 3.32
N VAL B 96 1.76 14.66 2.16
CA VAL B 96 0.90 15.86 2.05
C VAL B 96 -0.38 15.70 2.87
N ALA B 97 -1.01 14.53 2.82
CA ALA B 97 -2.23 14.25 3.61
C ALA B 97 -1.92 14.43 5.11
N PHE B 98 -0.83 13.84 5.60
CA PHE B 98 -0.41 13.91 7.01
C PHE B 98 -0.28 15.39 7.44
N VAL B 99 0.34 16.19 6.58
CA VAL B 99 0.62 17.62 6.86
C VAL B 99 -0.71 18.37 6.88
N ARG B 100 -1.62 18.03 5.99
CA ARG B 100 -2.94 18.72 5.93
C ARG B 100 -3.64 18.44 7.27
N ILE B 101 -3.61 17.18 7.74
CA ILE B 101 -4.34 16.75 8.95
C ILE B 101 -3.75 17.46 10.19
N ILE B 102 -2.42 17.51 10.28
CA ILE B 102 -1.74 18.11 11.45
C ILE B 102 -1.87 19.65 11.42
N ALA B 103 -1.76 20.26 10.26
CA ALA B 103 -1.89 21.73 10.08
C ALA B 103 -3.28 22.19 10.52
N ASN B 104 -4.28 21.35 10.31
CA ASN B 104 -5.70 21.64 10.64
C ASN B 104 -5.94 21.60 12.16
N GLU B 105 -4.97 21.10 12.93
CA GLU B 105 -5.05 20.97 14.40
C GLU B 105 -4.55 22.27 15.05
N SER B 106 -4.03 23.22 14.25
CA SER B 106 -3.66 24.61 14.68
C SER B 106 -2.76 24.59 15.92
N GLY B 107 -1.76 23.70 15.98
CA GLY B 107 -0.75 23.67 17.06
C GLY B 107 -1.18 22.94 18.32
N ARG B 108 -2.40 22.39 18.40
CA ARG B 108 -2.92 21.65 19.58
C ARG B 108 -2.10 20.38 19.93
N PHE B 109 -1.42 19.74 18.96
CA PHE B 109 -0.77 18.41 19.18
C PHE B 109 0.68 18.46 18.69
N PRO B 110 1.53 19.27 19.35
CA PRO B 110 2.94 19.39 18.96
C PRO B 110 3.71 18.08 18.99
N VAL B 111 3.38 17.17 19.89
CA VAL B 111 4.14 15.90 20.04
C VAL B 111 3.94 15.05 18.76
N LEU B 112 2.71 14.99 18.24
CA LEU B 112 2.38 14.33 16.96
C LEU B 112 3.04 15.07 15.80
N ALA B 113 3.00 16.40 15.79
CA ALA B 113 3.64 17.19 14.73
C ALA B 113 5.13 16.83 14.66
N ARG B 114 5.82 16.81 15.81
CA ARG B 114 7.27 16.53 15.84
C ARG B 114 7.52 15.07 15.45
N LEU B 115 6.63 14.16 15.83
CA LEU B 115 6.85 12.73 15.56
C LEU B 115 6.84 12.53 14.04
N PHE B 116 5.89 13.16 13.36
CA PHE B 116 5.79 13.12 11.88
C PHE B 116 7.05 13.72 11.28
N TYR B 117 7.47 14.88 11.76
CA TYR B 117 8.63 15.58 11.16
C TYR B 117 9.86 14.67 11.30
N GLU B 118 10.11 14.11 12.48
CA GLU B 118 11.39 13.37 12.77
C GLU B 118 11.38 12.00 12.10
N SER B 119 10.19 11.39 11.92
CA SER B 119 10.04 10.05 11.31
C SER B 119 10.13 10.13 9.79
N GLY B 120 9.76 11.28 9.21
CA GLY B 120 9.66 11.46 7.77
C GLY B 120 10.70 12.42 7.22
N PRO B 121 10.31 13.68 6.97
CA PRO B 121 11.23 14.66 6.38
C PRO B 121 12.62 14.72 6.99
N GLU B 122 12.77 14.73 8.31
CA GLU B 122 14.11 14.76 8.96
C GLU B 122 14.84 13.43 8.70
N ALA B 123 14.14 12.29 8.71
CA ALA B 123 14.76 10.98 8.42
C ALA B 123 15.35 10.98 7.00
N THR B 124 14.61 11.53 6.03
CA THR B 124 15.07 11.64 4.62
C THR B 124 16.32 12.53 4.55
N ILE B 125 16.34 13.62 5.28
CA ILE B 125 17.55 14.49 5.35
C ILE B 125 18.75 13.69 5.87
N ARG B 126 18.58 12.96 6.98
CA ARG B 126 19.69 12.22 7.64
C ARG B 126 20.22 11.15 6.69
N ARG B 127 19.36 10.41 6.00
CA ARG B 127 19.81 9.37 5.05
C ARG B 127 20.66 10.01 3.95
N LEU B 128 20.21 11.10 3.35
CA LEU B 128 20.97 11.74 2.25
C LEU B 128 22.29 12.25 2.83
N ALA B 129 22.24 12.87 4.02
CA ALA B 129 23.42 13.49 4.64
C ALA B 129 24.51 12.41 4.86
N GLN B 130 24.17 11.19 5.30
CA GLN B 130 25.17 10.09 5.43
C GLN B 130 25.90 9.93 4.10
N PHE B 131 25.15 9.82 3.00
CA PHE B 131 25.77 9.66 1.66
C PHE B 131 26.60 10.89 1.31
N LEU B 132 26.16 12.09 1.64
CA LEU B 132 26.95 13.31 1.28
C LEU B 132 28.28 13.34 2.06
N GLU B 133 28.30 12.83 3.30
CA GLU B 133 29.55 12.62 4.09
C GLU B 133 30.52 11.70 3.32
N GLU B 134 30.06 10.57 2.81
CA GLU B 134 30.89 9.61 2.04
C GLU B 134 31.49 10.33 0.83
N ALA B 135 30.69 11.13 0.14
CA ALA B 135 31.11 11.84 -1.09
C ALA B 135 32.10 12.95 -0.74
N ARG B 136 31.93 13.61 0.40
CA ARG B 136 32.90 14.64 0.83
C ARG B 136 34.24 13.97 1.21
N ALA B 137 34.18 12.83 1.91
CA ALA B 137 35.34 12.04 2.33
C ALA B 137 36.10 11.57 1.08
N ALA B 138 35.40 11.21 0.00
CA ALA B 138 36.00 10.85 -1.30
C ALA B 138 36.40 12.10 -2.09
N ARG B 139 36.32 13.29 -1.49
CA ARG B 139 36.83 14.57 -2.06
C ARG B 139 36.15 14.89 -3.41
N VAL B 140 34.86 14.57 -3.56
CA VAL B 140 34.12 14.78 -4.84
C VAL B 140 32.94 15.77 -4.64
N LEU B 141 32.68 16.19 -3.40
CA LEU B 141 31.83 17.37 -3.04
C LEU B 141 32.53 18.13 -1.92
N GLU B 142 32.36 19.46 -1.88
CA GLU B 142 32.75 20.29 -0.71
C GLU B 142 31.56 21.13 -0.23
N PHE B 143 31.42 21.15 1.10
CA PHE B 143 30.34 21.82 1.87
C PHE B 143 30.75 21.76 3.35
N ASP B 144 30.24 22.67 4.18
CA ASP B 144 30.57 22.69 5.64
C ASP B 144 29.72 21.66 6.39
N ASP B 145 28.40 21.58 6.20
CA ASP B 145 27.51 20.71 7.05
C ASP B 145 26.69 19.77 6.15
N PRO B 146 26.77 18.44 6.36
CA PRO B 146 26.02 17.49 5.53
C PRO B 146 24.49 17.58 5.64
N GLU B 148 22.75 20.46 6.38
CA GLU B 148 22.51 21.66 5.62
C GLU B 148 22.53 21.31 4.12
N ALA B 149 23.51 20.57 3.62
CA ALA B 149 23.66 20.30 2.17
C ALA B 149 22.54 19.36 1.71
N ALA B 150 22.12 18.39 2.51
CA ALA B 150 21.03 17.46 2.15
C ALA B 150 19.72 18.27 2.01
N ASN B 151 19.51 19.19 2.93
CA ASN B 151 18.29 20.05 2.94
C ASN B 151 18.26 20.90 1.68
N GLN B 152 19.40 21.40 1.24
CA GLN B 152 19.53 22.27 0.06
C GLN B 152 19.22 21.46 -1.20
N PHE B 153 19.79 20.26 -1.29
CA PHE B 153 19.58 19.37 -2.44
C PHE B 153 18.07 19.08 -2.56
N LEU B 154 17.46 18.70 -1.44
CA LEU B 154 16.03 18.30 -1.42
C LEU B 154 15.15 19.51 -1.75
N SER B 155 15.49 20.68 -1.23
CA SER B 155 14.76 21.93 -1.52
C SER B 155 14.82 22.23 -3.04
N LEU B 156 15.97 22.04 -3.67
CA LEU B 156 16.18 22.41 -5.09
C LEU B 156 15.29 21.52 -5.96
N VAL B 157 15.32 20.24 -5.68
CA VAL B 157 14.71 19.13 -6.46
C VAL B 157 13.19 19.12 -6.24
N ARG B 158 12.74 19.43 -5.03
CA ARG B 158 11.33 19.53 -4.64
C ARG B 158 10.70 20.81 -5.22
N GLY B 159 11.43 21.93 -5.19
CA GLY B 159 10.91 23.23 -5.64
C GLY B 159 9.54 23.51 -5.06
N GLU B 160 8.56 23.78 -5.91
CA GLU B 160 7.22 24.25 -5.46
C GLU B 160 6.16 23.14 -5.50
N LEU B 161 6.61 21.92 -5.73
CA LEU B 161 5.78 20.74 -5.95
C LEU B 161 4.77 20.54 -4.83
N PRO B 162 5.13 20.63 -3.55
CA PRO B 162 4.14 20.39 -2.50
C PRO B 162 2.96 21.37 -2.57
N LEU B 163 3.23 22.61 -2.93
CA LEU B 163 2.15 23.63 -3.10
C LEU B 163 1.30 23.27 -4.33
N LEU B 164 1.91 22.93 -5.45
CA LEU B 164 1.17 22.50 -6.67
C LEU B 164 0.27 21.31 -6.31
N ILE B 165 0.73 20.37 -5.50
CA ILE B 165 -0.03 19.14 -5.17
C ILE B 165 -1.25 19.54 -4.36
N VAL B 166 -1.04 20.34 -3.33
CA VAL B 166 -2.09 20.79 -2.40
C VAL B 166 -3.15 21.63 -3.17
N LEU B 167 -2.76 22.37 -4.19
CA LEU B 167 -3.69 23.19 -5.02
C LEU B 167 -4.35 22.33 -6.10
N GLY B 168 -4.03 21.04 -6.19
CA GLY B 168 -4.54 20.15 -7.24
C GLY B 168 -4.00 20.44 -8.62
N LEU B 169 -2.81 20.98 -8.79
CA LEU B 169 -2.27 21.39 -10.10
C LEU B 169 -0.96 20.67 -10.38
N SER B 170 -0.61 19.65 -9.63
CA SER B 170 0.56 18.81 -10.00
C SER B 170 0.10 17.60 -10.79
N ASP B 171 0.48 17.58 -12.06
CA ASP B 171 -0.06 16.65 -13.07
C ASP B 171 1.10 16.46 -14.04
N LEU B 172 2.23 16.03 -13.49
CA LEU B 172 3.57 16.10 -14.14
C LEU B 172 3.96 14.68 -14.51
N THR B 173 4.17 14.48 -15.81
CA THR B 173 4.62 13.26 -16.51
C THR B 173 6.00 12.85 -15.95
N GLU B 174 6.42 11.62 -16.19
CA GLU B 174 7.79 11.14 -15.83
C GLU B 174 8.85 12.01 -16.50
N GLU B 175 8.62 12.53 -17.70
CA GLU B 175 9.58 13.38 -18.45
C GLU B 175 9.78 14.71 -17.71
N ALA B 176 8.71 15.25 -17.12
CA ALA B 176 8.69 16.55 -16.38
C ALA B 176 9.43 16.38 -15.04
N ILE B 177 9.31 15.20 -14.43
CA ILE B 177 10.05 14.83 -13.19
C ILE B 177 11.54 14.81 -13.51
N GLU B 178 11.99 14.18 -14.60
CA GLU B 178 13.44 14.10 -14.92
C GLU B 178 13.99 15.51 -15.12
N GLN B 179 13.17 16.44 -15.61
CA GLN B 179 13.63 17.83 -15.90
C GLN B 179 13.86 18.56 -14.57
N GLU B 180 12.91 18.42 -13.62
CA GLU B 180 12.98 18.98 -12.25
C GLU B 180 14.24 18.44 -11.55
N ILE B 181 14.51 17.15 -11.68
CA ILE B 181 15.65 16.48 -10.99
C ILE B 181 16.95 16.96 -11.61
N GLU B 182 17.02 17.02 -12.94
CA GLU B 182 18.27 17.36 -13.66
C GLU B 182 18.67 18.81 -13.30
N ALA B 183 17.71 19.71 -13.17
CA ALA B 183 17.92 21.15 -12.94
C ALA B 183 18.45 21.35 -11.52
N GLY B 184 17.84 20.65 -10.56
CA GLY B 184 18.21 20.72 -9.14
C GLY B 184 19.59 20.15 -8.95
N LEU B 185 19.87 19.06 -9.63
CA LEU B 185 21.15 18.33 -9.53
C LEU B 185 22.26 19.17 -10.18
N LYS B 186 22.02 19.72 -11.37
CA LYS B 186 22.98 20.57 -12.12
C LYS B 186 23.41 21.67 -11.15
N PHE B 187 22.47 22.26 -10.46
CA PHE B 187 22.68 23.47 -9.66
C PHE B 187 23.44 23.11 -8.39
N PHE B 188 23.05 22.02 -7.75
CA PHE B 188 23.71 21.48 -6.55
C PHE B 188 25.19 21.20 -6.84
N LEU B 189 25.48 20.59 -7.97
CA LEU B 189 26.86 20.26 -8.39
C LEU B 189 27.62 21.56 -8.73
N LYS B 190 27.00 22.54 -9.41
CA LYS B 190 27.67 23.83 -9.70
C LYS B 190 28.17 24.42 -8.38
N ALA B 191 27.46 24.21 -7.28
CA ALA B 191 27.74 24.86 -5.98
C ALA B 191 28.72 24.04 -5.11
N CYS B 192 28.82 22.72 -5.31
CA CYS B 192 29.49 21.80 -4.36
C CYS B 192 30.68 21.06 -4.98
N GLN B 193 30.79 20.94 -6.30
CA GLN B 193 31.96 20.29 -6.95
C GLN B 193 33.18 21.17 -6.78
N PRO B 194 34.37 20.58 -6.52
CA PRO B 194 35.63 21.33 -6.55
C PRO B 194 35.89 22.00 -7.91
N ARG B 195 36.32 23.28 -7.86
CA ARG B 195 36.25 24.32 -8.93
C ARG B 195 37.48 25.25 -8.79
N ARG C 3 -2.96 -58.40 16.27
CA ARG C 3 -2.87 -57.43 15.13
C ARG C 3 -1.49 -56.72 15.19
N LYS C 4 -0.53 -57.36 14.51
CA LYS C 4 0.79 -56.82 14.09
C LYS C 4 0.59 -55.65 13.14
N ASP C 6 -0.85 -52.83 13.43
CA ASP C 6 -0.74 -51.46 13.90
C ASP C 6 0.72 -51.02 13.95
N ILE C 7 1.62 -51.95 14.25
CA ILE C 7 3.08 -51.68 14.26
C ILE C 7 3.51 -51.43 12.80
N VAL C 8 3.02 -52.24 11.86
CA VAL C 8 3.32 -52.09 10.41
C VAL C 8 2.84 -50.70 9.94
N ILE C 9 1.60 -50.30 10.22
CA ILE C 9 1.06 -48.96 9.85
C ILE C 9 2.04 -47.87 10.36
N ARG C 10 2.39 -47.91 11.65
CA ARG C 10 3.19 -46.82 12.28
C ARG C 10 4.59 -46.84 11.67
N ALA C 11 5.15 -48.01 11.42
CA ALA C 11 6.50 -48.14 10.83
C ALA C 11 6.50 -47.52 9.43
N ALA C 12 5.44 -47.75 8.65
CA ALA C 12 5.30 -47.27 7.27
C ALA C 12 5.08 -45.75 7.27
N TRP C 13 4.24 -45.25 8.16
CA TRP C 13 4.03 -43.77 8.31
C TRP C 13 5.41 -43.09 8.49
N GLN C 14 6.22 -43.58 9.43
CA GLN C 14 7.58 -43.06 9.71
C GLN C 14 8.41 -43.07 8.41
N LEU C 15 8.46 -44.15 7.66
CA LEU C 15 9.30 -44.20 6.41
C LEU C 15 8.75 -43.28 5.32
N PHE C 16 7.44 -43.16 5.19
CA PHE C 16 6.81 -42.28 4.16
C PHE C 16 7.19 -40.83 4.45
N LEU C 17 7.16 -40.45 5.72
CA LEU C 17 7.57 -39.09 6.17
C LEU C 17 9.06 -38.87 5.89
N GLU C 18 9.96 -39.80 6.28
CA GLU C 18 11.43 -39.65 6.16
C GLU C 18 11.79 -39.57 4.68
N GLN C 19 11.34 -40.54 3.90
CA GLN C 19 11.89 -40.86 2.55
C GLN C 19 10.92 -40.55 1.41
N GLY C 20 9.63 -40.35 1.68
CA GLY C 20 8.58 -40.29 0.64
C GLY C 20 7.94 -41.66 0.38
N PHE C 21 6.87 -41.67 -0.40
CA PHE C 21 6.08 -42.90 -0.68
C PHE C 21 6.84 -43.79 -1.67
N SER C 22 7.17 -43.26 -2.85
CA SER C 22 7.95 -43.92 -3.93
C SER C 22 9.27 -44.52 -3.42
N ALA C 23 10.01 -43.76 -2.64
CA ALA C 23 11.36 -44.17 -2.18
C ALA C 23 11.26 -45.30 -1.15
N THR C 24 10.10 -45.55 -0.53
CA THR C 24 9.95 -46.55 0.55
C THR C 24 9.56 -47.90 -0.05
N SER C 25 10.25 -48.97 0.34
CA SER C 25 10.01 -50.33 -0.19
C SER C 25 9.29 -51.15 0.87
N ASP C 27 10.15 -53.99 1.54
CA ASP C 27 11.32 -54.55 2.19
C ASP C 27 11.70 -53.75 3.44
N ALA C 28 11.88 -52.43 3.28
CA ALA C 28 12.23 -51.47 4.36
C ALA C 28 11.12 -51.44 5.43
N ILE C 29 9.86 -51.56 5.03
CA ILE C 29 8.69 -51.46 5.97
C ILE C 29 8.76 -52.69 6.89
N ALA C 30 8.95 -53.87 6.28
CA ALA C 30 9.07 -55.13 7.01
C ALA C 30 10.23 -55.05 8.03
N LYS C 31 11.38 -54.51 7.60
CA LYS C 31 12.60 -54.39 8.46
C LYS C 31 12.26 -53.48 9.64
N ALA C 32 11.77 -52.27 9.37
CA ALA C 32 11.45 -51.23 10.38
C ALA C 32 10.41 -51.74 11.37
N ALA C 33 9.50 -52.65 10.99
CA ALA C 33 8.43 -53.16 11.88
C ALA C 33 8.84 -54.48 12.54
N GLY C 34 9.95 -55.08 12.11
CA GLY C 34 10.44 -56.39 12.58
C GLY C 34 9.43 -57.49 12.32
N VAL C 35 8.98 -57.64 11.07
CA VAL C 35 8.15 -58.81 10.63
C VAL C 35 8.72 -59.33 9.30
N SER C 36 8.37 -60.55 8.93
CA SER C 36 8.73 -61.15 7.62
C SER C 36 7.94 -60.43 6.52
N LYS C 37 8.48 -60.38 5.30
CA LYS C 37 7.71 -59.98 4.11
C LYS C 37 6.48 -60.89 3.96
N ALA C 38 6.52 -62.14 4.40
CA ALA C 38 5.36 -63.05 4.34
C ALA C 38 4.20 -62.45 5.15
N THR C 39 4.48 -62.05 6.40
CA THR C 39 3.45 -61.58 7.37
C THR C 39 2.97 -60.20 6.91
N LEU C 40 3.85 -59.36 6.36
CA LEU C 40 3.50 -58.04 5.80
C LEU C 40 2.50 -58.19 4.64
N TYR C 41 2.78 -59.04 3.67
CA TYR C 41 1.98 -59.16 2.44
C TYR C 41 0.71 -59.99 2.72
N ALA C 42 0.69 -60.73 3.84
CA ALA C 42 -0.52 -61.42 4.33
C ALA C 42 -1.57 -60.40 4.81
N TYR C 43 -1.14 -59.28 5.41
CA TYR C 43 -2.08 -58.24 5.93
C TYR C 43 -2.35 -57.22 4.83
N PHE C 44 -1.38 -56.92 3.98
CA PHE C 44 -1.45 -55.82 2.98
C PHE C 44 -1.03 -56.34 1.61
N PRO C 45 -1.92 -56.25 0.61
CA PRO C 45 -1.60 -56.65 -0.76
C PRO C 45 -0.45 -55.85 -1.37
N SER C 46 -0.30 -54.58 -0.98
CA SER C 46 0.60 -53.64 -1.70
C SER C 46 0.90 -52.42 -0.84
N LYS C 47 1.95 -51.71 -1.22
CA LYS C 47 2.33 -50.40 -0.66
C LYS C 47 1.14 -49.42 -0.79
N GLU C 48 0.47 -49.42 -1.95
CA GLU C 48 -0.69 -48.56 -2.25
C GLU C 48 -1.81 -48.87 -1.24
N ALA C 49 -2.06 -50.14 -0.94
CA ALA C 49 -3.11 -50.55 0.02
C ALA C 49 -2.74 -50.02 1.42
N LEU C 50 -1.46 -50.06 1.74
CA LEU C 50 -0.99 -49.63 3.07
C LEU C 50 -1.22 -48.13 3.24
N PHE C 51 -0.88 -47.33 2.24
CA PHE C 51 -1.05 -45.85 2.30
C PHE C 51 -2.54 -45.55 2.36
N ALA C 52 -3.36 -46.33 1.67
CA ALA C 52 -4.83 -46.18 1.68
C ALA C 52 -5.33 -46.38 3.10
N SER C 53 -4.89 -47.42 3.80
CA SER C 53 -5.26 -47.70 5.22
C SER C 53 -4.89 -46.48 6.10
N LEU C 54 -3.73 -45.89 5.87
CA LEU C 54 -3.18 -44.73 6.60
C LEU C 54 -4.05 -43.51 6.34
N ILE C 55 -4.40 -43.25 5.09
CA ILE C 55 -5.28 -42.11 4.72
C ILE C 55 -6.63 -42.24 5.41
N VAL C 56 -7.28 -43.39 5.31
CA VAL C 56 -8.65 -43.59 5.85
C VAL C 56 -8.57 -43.41 7.37
N ALA C 57 -7.58 -43.98 8.05
CA ALA C 57 -7.42 -43.90 9.52
C ALA C 57 -7.28 -42.43 9.97
N GLU C 58 -6.35 -41.68 9.37
CA GLU C 58 -6.09 -40.26 9.72
C GLU C 58 -7.30 -39.39 9.40
N CYS C 59 -7.94 -39.56 8.26
CA CYS C 59 -9.10 -38.73 7.88
C CYS C 59 -10.29 -39.01 8.79
N GLU C 60 -10.54 -40.28 9.19
CA GLU C 60 -11.68 -40.65 10.08
C GLU C 60 -11.48 -39.97 11.45
N SER C 61 -10.23 -39.86 11.88
CA SER C 61 -9.76 -39.28 13.15
C SER C 61 -9.99 -37.76 13.17
N LEU C 62 -9.48 -37.04 12.16
CA LEU C 62 -9.71 -35.56 12.03
C LEU C 62 -11.23 -35.31 11.97
N GLN C 63 -12.00 -36.19 11.34
CA GLN C 63 -13.46 -36.01 11.18
C GLN C 63 -14.16 -36.11 12.55
N ARG C 64 -13.57 -36.81 13.51
CA ARG C 64 -14.20 -37.03 14.84
C ARG C 64 -14.04 -35.79 15.72
N ASP C 65 -12.99 -34.98 15.51
CA ASP C 65 -12.76 -33.65 16.13
C ASP C 65 -13.71 -32.56 15.61
N LEU C 66 -14.74 -32.90 14.84
CA LEU C 66 -15.68 -31.88 14.28
C LEU C 66 -17.01 -32.03 15.02
N PRO C 67 -17.63 -30.96 15.55
CA PRO C 67 -18.95 -31.09 16.18
C PRO C 67 -20.00 -31.58 15.18
N VAL C 68 -21.14 -32.06 15.67
CA VAL C 68 -22.36 -32.26 14.83
C VAL C 68 -23.28 -31.10 15.16
N PRO C 69 -23.46 -30.14 14.23
CA PRO C 69 -24.16 -28.90 14.58
C PRO C 69 -25.63 -29.23 14.86
N LYS C 70 -26.20 -28.65 15.91
CA LYS C 70 -27.62 -28.74 16.30
C LYS C 70 -28.21 -27.32 16.25
N LEU C 71 -29.32 -27.17 15.51
CA LEU C 71 -30.10 -25.92 15.40
C LEU C 71 -30.61 -25.46 16.77
N SER C 72 -30.91 -26.36 17.70
CA SER C 72 -31.40 -26.03 19.07
C SER C 72 -30.42 -25.09 19.80
N ALA C 73 -29.14 -25.06 19.39
CA ALA C 73 -28.07 -24.23 19.99
C ALA C 73 -28.15 -22.76 19.49
N GLY C 74 -28.97 -22.48 18.48
CA GLY C 74 -28.85 -21.27 17.64
C GLY C 74 -28.13 -21.59 16.34
N LEU C 75 -28.60 -21.02 15.25
CA LEU C 75 -27.96 -21.13 13.92
C LEU C 75 -26.53 -20.58 14.03
N SER C 76 -26.37 -19.32 14.41
CA SER C 76 -25.05 -18.64 14.54
C SER C 76 -24.09 -19.47 15.42
N GLU C 77 -24.55 -20.01 16.54
CA GLU C 77 -23.64 -20.69 17.50
C GLU C 77 -23.19 -22.02 16.90
N ALA C 78 -24.08 -22.70 16.22
CA ALA C 78 -23.77 -23.98 15.53
C ALA C 78 -22.66 -23.74 14.50
N LEU C 79 -22.84 -22.72 13.65
CA LEU C 79 -21.88 -22.41 12.56
C LEU C 79 -20.56 -21.93 13.16
N ARG C 80 -20.64 -21.18 14.24
CA ARG C 80 -19.45 -20.59 14.88
C ARG C 80 -18.65 -21.76 15.47
N ASP C 81 -19.29 -22.74 16.09
CA ASP C 81 -18.54 -23.87 16.70
C ASP C 81 -17.88 -24.70 15.59
N PHE C 82 -18.57 -24.95 14.48
CA PHE C 82 -18.05 -25.77 13.35
C PHE C 82 -16.85 -25.07 12.73
N ALA C 83 -17.02 -23.78 12.46
CA ALA C 83 -15.94 -22.93 11.91
C ALA C 83 -14.72 -22.99 12.81
N ARG C 84 -14.91 -22.92 14.13
CA ARG C 84 -13.78 -22.87 15.11
C ARG C 84 -13.01 -24.18 15.03
N GLN C 85 -13.71 -25.31 15.00
CA GLN C 85 -13.05 -26.64 15.01
C GLN C 85 -12.37 -26.85 13.65
N TYR C 86 -12.97 -26.33 12.58
CA TYR C 86 -12.44 -26.45 11.20
C TYR C 86 -11.08 -25.73 11.08
N LEU C 87 -11.01 -24.50 11.57
CA LEU C 87 -9.77 -23.70 11.52
C LEU C 87 -8.72 -24.29 12.45
N HIS C 88 -9.06 -24.96 13.55
CA HIS C 88 -8.08 -25.61 14.45
C HIS C 88 -7.18 -26.53 13.62
N THR C 89 -7.76 -27.24 12.64
CA THR C 89 -7.02 -28.14 11.71
C THR C 89 -5.88 -27.39 11.03
N PHE C 90 -6.19 -26.23 10.49
CA PHE C 90 -5.22 -25.48 9.66
C PHE C 90 -4.13 -24.93 10.57
N ILE C 91 -4.52 -24.39 11.72
CA ILE C 91 -3.61 -23.64 12.62
C ILE C 91 -2.58 -24.60 13.23
N HIS C 92 -3.00 -25.82 13.59
CA HIS C 92 -2.16 -26.90 14.16
C HIS C 92 -1.62 -27.87 13.09
N ARG C 93 -1.73 -27.53 11.82
CA ARG C 93 -1.00 -28.17 10.69
C ARG C 93 -1.16 -29.68 10.72
N LYS C 94 -2.39 -30.15 10.92
CA LYS C 94 -2.73 -31.60 11.07
C LYS C 94 -2.83 -32.29 9.68
N ASP C 95 -3.08 -31.55 8.60
CA ASP C 95 -3.22 -32.09 7.22
C ASP C 95 -1.81 -32.10 6.58
N VAL C 96 -0.87 -31.32 7.10
CA VAL C 96 0.27 -30.77 6.29
C VAL C 96 1.20 -31.90 5.82
N ALA C 97 1.63 -32.78 6.73
CA ALA C 97 2.55 -33.89 6.39
C ALA C 97 1.92 -34.77 5.32
N PHE C 98 0.66 -35.18 5.52
CA PHE C 98 -0.09 -36.03 4.57
C PHE C 98 -0.08 -35.41 3.17
N VAL C 99 -0.39 -34.12 3.11
CA VAL C 99 -0.54 -33.40 1.82
C VAL C 99 0.84 -33.29 1.18
N ARG C 100 1.88 -33.07 1.99
CA ARG C 100 3.25 -32.97 1.46
C ARG C 100 3.59 -34.30 0.80
N ILE C 101 3.27 -35.44 1.42
CA ILE C 101 3.62 -36.78 0.87
C ILE C 101 2.90 -37.02 -0.47
N ILE C 102 1.62 -36.69 -0.59
CA ILE C 102 0.87 -36.89 -1.85
C ILE C 102 1.34 -35.92 -2.95
N ALA C 103 1.51 -34.65 -2.57
CA ALA C 103 1.90 -33.56 -3.49
C ALA C 103 3.28 -33.85 -4.06
N ASN C 104 4.15 -34.50 -3.29
CA ASN C 104 5.55 -34.79 -3.67
C ASN C 104 5.59 -35.92 -4.70
N GLU C 105 4.46 -36.62 -4.92
CA GLU C 105 4.40 -37.72 -5.89
C GLU C 105 4.04 -37.14 -7.28
N SER C 106 3.76 -35.84 -7.38
CA SER C 106 3.58 -35.08 -8.66
C SER C 106 2.54 -35.76 -9.57
N GLY C 107 1.43 -36.23 -9.01
CA GLY C 107 0.28 -36.78 -9.75
C GLY C 107 0.48 -38.22 -10.23
N ARG C 108 1.55 -38.90 -9.80
CA ARG C 108 1.77 -40.33 -10.12
C ARG C 108 0.71 -41.23 -9.47
N PHE C 109 0.00 -40.78 -8.42
CA PHE C 109 -0.92 -41.65 -7.61
C PHE C 109 -2.30 -41.01 -7.48
N PRO C 110 -2.99 -40.70 -8.59
CA PRO C 110 -4.25 -39.95 -8.53
C PRO C 110 -5.36 -40.62 -7.72
N VAL C 111 -5.42 -41.95 -7.69
CA VAL C 111 -6.51 -42.66 -6.99
C VAL C 111 -6.34 -42.46 -5.48
N LEU C 112 -5.11 -42.50 -4.97
CA LEU C 112 -4.78 -42.15 -3.55
C LEU C 112 -5.07 -40.66 -3.29
N ALA C 113 -4.68 -39.79 -4.19
CA ALA C 113 -4.96 -38.34 -4.03
C ALA C 113 -6.48 -38.12 -3.89
N ARG C 114 -7.30 -38.75 -4.72
CA ARG C 114 -8.77 -38.59 -4.66
C ARG C 114 -9.33 -39.24 -3.40
N LEU C 115 -8.73 -40.33 -2.95
CA LEU C 115 -9.20 -41.02 -1.73
C LEU C 115 -9.02 -40.06 -0.54
N PHE C 116 -7.88 -39.39 -0.47
CA PHE C 116 -7.60 -38.37 0.57
C PHE C 116 -8.62 -37.25 0.46
N TYR C 117 -8.85 -36.75 -0.75
CA TYR C 117 -9.78 -35.61 -0.95
C TYR C 117 -11.17 -36.02 -0.44
N GLU C 118 -11.68 -37.19 -0.82
CA GLU C 118 -13.09 -37.58 -0.55
C GLU C 118 -13.26 -37.99 0.91
N SER C 119 -12.22 -38.53 1.55
CA SER C 119 -12.24 -38.95 2.98
C SER C 119 -12.10 -37.76 3.94
N GLY C 120 -11.45 -36.68 3.49
CA GLY C 120 -11.15 -35.51 4.35
C GLY C 120 -11.92 -34.26 3.91
N PRO C 121 -11.30 -33.36 3.13
CA PRO C 121 -11.96 -32.11 2.76
C PRO C 121 -13.39 -32.23 2.21
N GLU C 122 -13.67 -33.19 1.32
CA GLU C 122 -15.05 -33.36 0.79
C GLU C 122 -15.96 -33.91 1.90
N ALA C 123 -15.45 -34.76 2.81
CA ALA C 123 -16.25 -35.26 3.95
C ALA C 123 -16.67 -34.08 4.83
N THR C 124 -15.79 -33.11 5.06
CA THR C 124 -16.09 -31.90 5.87
C THR C 124 -17.23 -31.11 5.19
N ILE C 125 -17.18 -30.98 3.87
CA ILE C 125 -18.28 -30.30 3.12
C ILE C 125 -19.60 -31.07 3.33
N ARG C 126 -19.59 -32.40 3.19
CA ARG C 126 -20.84 -33.22 3.29
C ARG C 126 -21.43 -33.12 4.69
N ARG C 127 -20.62 -33.17 5.74
CA ARG C 127 -21.13 -33.00 7.13
C ARG C 127 -21.83 -31.65 7.28
N LEU C 128 -21.19 -30.58 6.83
CA LEU C 128 -21.78 -29.24 6.99
C LEU C 128 -23.07 -29.19 6.14
N ALA C 129 -23.04 -29.73 4.93
CA ALA C 129 -24.17 -29.69 3.99
C ALA C 129 -25.39 -30.38 4.62
N GLN C 130 -25.22 -31.49 5.32
CA GLN C 130 -26.38 -32.13 6.03
C GLN C 130 -26.99 -31.12 7.01
N PHE C 131 -26.18 -30.44 7.80
CA PHE C 131 -26.68 -29.42 8.75
C PHE C 131 -27.37 -28.27 8.00
N LEU C 132 -26.84 -27.85 6.86
CA LEU C 132 -27.44 -26.70 6.14
C LEU C 132 -28.80 -27.12 5.56
N GLU C 133 -28.99 -28.39 5.18
CA GLU C 133 -30.31 -28.95 4.81
C GLU C 133 -31.31 -28.78 5.97
N GLU C 134 -30.95 -29.15 7.19
CA GLU C 134 -31.85 -29.01 8.38
C GLU C 134 -32.25 -27.55 8.52
N ALA C 135 -31.29 -26.63 8.39
CA ALA C 135 -31.49 -25.18 8.59
C ALA C 135 -32.38 -24.62 7.46
N ARG C 136 -32.25 -25.14 6.24
CA ARG C 136 -33.11 -24.69 5.13
C ARG C 136 -34.54 -25.22 5.34
N ALA C 137 -34.68 -26.46 5.79
CA ALA C 137 -35.98 -27.11 6.11
C ALA C 137 -36.67 -26.30 7.22
N ALA C 138 -35.91 -25.78 8.19
CA ALA C 138 -36.43 -24.90 9.27
C ALA C 138 -36.61 -23.46 8.77
N ARG C 139 -36.41 -23.21 7.47
CA ARG C 139 -36.74 -21.91 6.81
C ARG C 139 -35.93 -20.77 7.40
N VAL C 140 -34.69 -21.03 7.84
CA VAL C 140 -33.84 -20.02 8.54
C VAL C 140 -32.54 -19.76 7.74
N LEU C 141 -32.32 -20.47 6.62
CA LEU C 141 -31.40 -20.14 5.50
C LEU C 141 -32.10 -20.48 4.18
N GLU C 142 -31.75 -19.80 3.08
CA GLU C 142 -32.17 -20.19 1.70
C GLU C 142 -30.97 -20.20 0.75
N PHE C 143 -30.91 -21.24 -0.08
CA PHE C 143 -29.83 -21.54 -1.04
C PHE C 143 -30.32 -22.70 -1.92
N ASP C 144 -29.80 -22.86 -3.14
CA ASP C 144 -30.24 -23.95 -4.05
C ASP C 144 -29.57 -25.29 -3.71
N ASP C 145 -28.25 -25.37 -3.51
CA ASP C 145 -27.52 -26.66 -3.31
C ASP C 145 -26.76 -26.63 -1.98
N PRO C 146 -26.98 -27.60 -1.08
CA PRO C 146 -26.31 -27.63 0.22
C PRO C 146 -24.79 -27.80 0.17
N GLU C 148 -22.77 -26.81 -2.45
CA GLU C 148 -22.37 -25.48 -2.89
C GLU C 148 -22.32 -24.55 -1.65
N ALA C 149 -23.35 -24.52 -0.82
CA ALA C 149 -23.43 -23.54 0.29
C ALA C 149 -22.40 -23.88 1.37
N ALA C 150 -22.16 -25.16 1.64
CA ALA C 150 -21.16 -25.58 2.64
C ALA C 150 -19.76 -25.17 2.14
N ASN C 151 -19.51 -25.35 0.88
CA ASN C 151 -18.20 -25.00 0.26
C ASN C 151 -17.97 -23.48 0.36
N GLN C 152 -19.01 -22.70 0.19
CA GLN C 152 -18.95 -21.22 0.23
C GLN C 152 -18.65 -20.78 1.66
N PHE C 153 -19.32 -21.36 2.63
CA PHE C 153 -19.14 -21.05 4.07
C PHE C 153 -17.68 -21.33 4.41
N LEU C 154 -17.18 -22.50 4.03
CA LEU C 154 -15.84 -22.96 4.42
C LEU C 154 -14.81 -22.11 3.70
N SER C 155 -15.05 -21.75 2.45
CA SER C 155 -14.16 -20.86 1.68
C SER C 155 -14.08 -19.48 2.37
N LEU C 156 -15.19 -18.95 2.86
CA LEU C 156 -15.25 -17.59 3.44
C LEU C 156 -14.43 -17.55 4.73
N VAL C 157 -14.60 -18.56 5.54
CA VAL C 157 -14.08 -18.69 6.94
C VAL C 157 -12.59 -19.02 6.87
N ARG C 158 -12.20 -19.85 5.91
CA ARG C 158 -10.81 -20.25 5.64
C ARG C 158 -10.04 -19.08 5.00
N GLY C 159 -10.66 -18.34 4.08
CA GLY C 159 -10.05 -17.24 3.33
C GLY C 159 -8.63 -17.54 2.91
N GLU C 160 -7.69 -16.73 3.34
CA GLU C 160 -6.27 -16.82 2.88
C GLU C 160 -5.42 -17.39 4.01
N LEU C 161 -6.03 -17.88 5.07
CA LEU C 161 -5.34 -18.42 6.25
C LEU C 161 -4.40 -19.56 5.86
N PRO C 162 -4.83 -20.53 5.05
CA PRO C 162 -3.95 -21.62 4.67
C PRO C 162 -2.64 -21.13 4.02
N LEU C 163 -2.73 -20.10 3.19
CA LEU C 163 -1.56 -19.49 2.51
C LEU C 163 -0.66 -18.82 3.56
N LEU C 164 -1.24 -18.00 4.44
CA LEU C 164 -0.43 -17.29 5.47
C LEU C 164 0.30 -18.32 6.35
N ILE C 165 -0.38 -19.42 6.68
CA ILE C 165 0.19 -20.43 7.60
C ILE C 165 1.38 -21.07 6.92
N VAL C 166 1.19 -21.51 5.71
CA VAL C 166 2.21 -22.27 4.93
C VAL C 166 3.41 -21.37 4.61
N LEU C 167 3.20 -20.07 4.46
CA LEU C 167 4.31 -19.09 4.20
C LEU C 167 5.00 -18.71 5.51
N GLY C 168 4.58 -19.26 6.65
CA GLY C 168 5.05 -18.87 7.99
C GLY C 168 4.76 -17.42 8.36
N LEU C 169 3.62 -16.86 7.98
CA LEU C 169 3.25 -15.47 8.39
C LEU C 169 2.03 -15.49 9.32
N SER C 170 1.44 -16.63 9.62
CA SER C 170 0.28 -16.66 10.54
C SER C 170 0.74 -17.25 11.86
N ASP C 171 0.55 -16.47 12.93
CA ASP C 171 0.45 -16.96 14.32
C ASP C 171 -0.79 -16.29 14.95
N LEU C 172 -1.88 -17.03 15.11
CA LEU C 172 -3.21 -16.46 15.42
C LEU C 172 -3.56 -16.75 16.90
N THR C 173 -3.76 -15.69 17.67
CA THR C 173 -4.32 -15.74 19.05
C THR C 173 -5.78 -16.21 18.92
N GLU C 174 -6.39 -16.69 20.00
CA GLU C 174 -7.82 -17.06 20.07
C GLU C 174 -8.71 -15.90 19.60
N GLU C 175 -8.37 -14.67 19.95
CA GLU C 175 -9.23 -13.49 19.65
C GLU C 175 -9.22 -13.24 18.14
N ALA C 176 -8.08 -13.48 17.48
CA ALA C 176 -7.87 -13.29 16.03
C ALA C 176 -8.66 -14.34 15.25
N ILE C 177 -8.74 -15.56 15.79
CA ILE C 177 -9.53 -16.67 15.20
C ILE C 177 -11.02 -16.28 15.25
N GLU C 178 -11.53 -15.74 16.34
CA GLU C 178 -12.98 -15.38 16.44
C GLU C 178 -13.28 -14.27 15.42
N GLN C 179 -12.31 -13.43 15.09
CA GLN C 179 -12.52 -12.30 14.15
C GLN C 179 -12.64 -12.86 12.73
N GLU C 180 -11.78 -13.82 12.36
CA GLU C 180 -11.80 -14.58 11.07
C GLU C 180 -13.15 -15.27 10.92
N ILE C 181 -13.63 -15.91 11.99
CA ILE C 181 -14.90 -16.69 11.94
C ILE C 181 -16.07 -15.73 11.81
N GLU C 182 -16.06 -14.65 12.56
CA GLU C 182 -17.19 -13.68 12.62
C GLU C 182 -17.39 -13.06 11.24
N ALA C 183 -16.30 -12.77 10.51
CA ALA C 183 -16.33 -12.06 9.22
C ALA C 183 -16.93 -12.97 8.15
N GLY C 184 -16.47 -14.24 8.14
CA GLY C 184 -16.95 -15.28 7.24
C GLY C 184 -18.44 -15.54 7.46
N LEU C 185 -18.81 -15.64 8.73
CA LEU C 185 -20.19 -15.96 9.15
C LEU C 185 -21.12 -14.78 8.84
N LYS C 186 -20.72 -13.55 9.16
CA LYS C 186 -21.49 -12.31 8.91
C LYS C 186 -21.86 -12.34 7.42
N PHE C 187 -20.89 -12.66 6.58
CA PHE C 187 -21.05 -12.52 5.12
C PHE C 187 -21.95 -13.63 4.60
N PHE C 188 -21.75 -14.85 5.09
CA PHE C 188 -22.55 -16.04 4.73
C PHE C 188 -24.03 -15.77 5.05
N LEU C 189 -24.28 -15.21 6.22
CA LEU C 189 -25.66 -14.89 6.66
C LEU C 189 -26.22 -13.73 5.83
N LYS C 190 -25.44 -12.69 5.51
CA LYS C 190 -25.90 -11.60 4.61
C LYS C 190 -26.45 -12.23 3.31
N ALA C 191 -25.86 -13.31 2.84
CA ALA C 191 -26.17 -13.89 1.51
C ALA C 191 -27.30 -14.94 1.59
N CYS C 192 -27.55 -15.57 2.75
CA CYS C 192 -28.39 -16.79 2.83
C CYS C 192 -29.57 -16.62 3.78
N GLN C 193 -29.55 -15.71 4.74
CA GLN C 193 -30.72 -15.45 5.63
C GLN C 193 -31.81 -14.79 4.80
N PRO C 194 -33.10 -15.13 5.04
CA PRO C 194 -34.20 -14.26 4.60
C PRO C 194 -34.07 -12.84 5.18
N ARG C 195 -34.07 -11.79 4.33
CA ARG C 195 -33.71 -10.37 4.71
C ARG C 195 -35.00 -9.55 4.64
N ARG D 3 20.73 -8.58 -19.80
CA ARG D 3 22.20 -8.80 -19.90
C ARG D 3 22.42 -10.33 -19.93
N LYS D 4 23.58 -10.81 -19.42
CA LYS D 4 23.79 -12.23 -19.00
C LYS D 4 22.87 -12.58 -17.84
N ASP D 6 19.69 -12.62 -17.67
CA ASP D 6 18.49 -13.42 -17.95
C ASP D 6 18.80 -14.93 -17.96
N ILE D 7 20.00 -15.32 -18.37
CA ILE D 7 20.45 -16.75 -18.34
C ILE D 7 20.56 -17.15 -16.88
N VAL D 8 21.18 -16.29 -16.05
CA VAL D 8 21.34 -16.54 -14.59
C VAL D 8 19.95 -16.72 -13.95
N ILE D 9 19.02 -15.79 -14.18
CA ILE D 9 17.63 -15.87 -13.64
C ILE D 9 17.03 -17.24 -13.98
N ARG D 10 17.06 -17.62 -15.28
CA ARG D 10 16.36 -18.85 -15.72
C ARG D 10 17.08 -20.06 -15.12
N ALA D 11 18.40 -20.04 -15.04
CA ALA D 11 19.15 -21.19 -14.45
C ALA D 11 18.75 -21.37 -12.98
N ALA D 12 18.62 -20.26 -12.24
CA ALA D 12 18.28 -20.26 -10.80
C ALA D 12 16.82 -20.69 -10.60
N TRP D 13 15.90 -20.19 -11.42
CA TRP D 13 14.48 -20.62 -11.34
C TRP D 13 14.42 -22.16 -11.47
N GLN D 14 15.09 -22.73 -12.47
CA GLN D 14 15.13 -24.20 -12.70
C GLN D 14 15.57 -24.89 -11.40
N LEU D 15 16.69 -24.47 -10.79
CA LEU D 15 17.21 -25.18 -9.60
C LEU D 15 16.26 -25.01 -8.40
N PHE D 16 15.68 -23.81 -8.22
CA PHE D 16 14.79 -23.53 -7.07
C PHE D 16 13.56 -24.44 -7.15
N LEU D 17 13.02 -24.60 -8.35
CA LEU D 17 11.85 -25.47 -8.59
C LEU D 17 12.23 -26.92 -8.30
N GLU D 18 13.34 -27.44 -8.85
CA GLU D 18 13.60 -28.90 -8.73
C GLU D 18 14.05 -29.19 -7.29
N GLN D 19 14.90 -28.37 -6.67
CA GLN D 19 15.59 -28.70 -5.39
C GLN D 19 15.12 -27.88 -4.19
N GLY D 20 14.48 -26.74 -4.40
CA GLY D 20 14.19 -25.77 -3.33
C GLY D 20 15.25 -24.67 -3.21
N PHE D 21 15.00 -23.68 -2.36
CA PHE D 21 15.81 -22.45 -2.28
C PHE D 21 17.11 -22.74 -1.52
N SER D 22 17.02 -23.22 -0.28
CA SER D 22 18.20 -23.49 0.60
C SER D 22 19.08 -24.59 -0.01
N ALA D 23 18.48 -25.58 -0.66
CA ALA D 23 19.22 -26.71 -1.28
C ALA D 23 20.01 -26.25 -2.51
N THR D 24 19.72 -25.09 -3.07
CA THR D 24 20.40 -24.55 -4.26
C THR D 24 21.48 -23.58 -3.79
N SER D 25 22.71 -23.69 -4.28
CA SER D 25 23.82 -22.80 -3.86
C SER D 25 24.13 -21.81 -4.96
N ASP D 27 27.03 -21.31 -5.85
CA ASP D 27 28.01 -22.08 -6.58
C ASP D 27 27.37 -22.87 -7.75
N ALA D 28 26.31 -23.62 -7.46
CA ALA D 28 25.52 -24.40 -8.43
C ALA D 28 24.88 -23.47 -9.48
N ILE D 29 24.42 -22.28 -9.06
CA ILE D 29 23.74 -21.31 -9.97
C ILE D 29 24.77 -20.83 -11.00
N ALA D 30 25.95 -20.45 -10.53
CA ALA D 30 27.06 -19.96 -11.38
C ALA D 30 27.43 -21.07 -12.40
N LYS D 31 27.51 -22.33 -11.96
CA LYS D 31 27.89 -23.47 -12.82
C LYS D 31 26.81 -23.62 -13.92
N ALA D 32 25.56 -23.74 -13.51
CA ALA D 32 24.40 -23.95 -14.40
C ALA D 32 24.26 -22.80 -15.41
N ALA D 33 24.69 -21.59 -15.08
CA ALA D 33 24.58 -20.40 -15.99
C ALA D 33 25.88 -20.15 -16.77
N GLY D 34 26.96 -20.87 -16.43
CA GLY D 34 28.31 -20.69 -17.01
C GLY D 34 28.85 -19.28 -16.81
N VAL D 35 28.89 -18.78 -15.56
CA VAL D 35 29.57 -17.50 -15.19
C VAL D 35 30.45 -17.74 -13.96
N SER D 36 31.42 -16.85 -13.74
CA SER D 36 32.29 -16.86 -12.53
C SER D 36 31.42 -16.46 -11.35
N LYS D 37 31.78 -16.90 -10.14
CA LYS D 37 31.14 -16.39 -8.90
C LYS D 37 31.34 -14.86 -8.83
N ALA D 38 32.41 -14.31 -9.37
CA ALA D 38 32.63 -12.83 -9.37
C ALA D 38 31.49 -12.14 -10.13
N THR D 39 31.20 -12.62 -11.35
CA THR D 39 30.21 -12.07 -12.30
C THR D 39 28.82 -12.20 -11.65
N LEU D 40 28.54 -13.37 -11.08
CA LEU D 40 27.23 -13.66 -10.42
C LEU D 40 26.97 -12.71 -9.25
N TYR D 41 27.96 -12.53 -8.37
CA TYR D 41 27.81 -11.71 -7.13
C TYR D 41 27.86 -10.22 -7.48
N ALA D 42 28.38 -9.87 -8.65
CA ALA D 42 28.35 -8.49 -9.17
C ALA D 42 26.92 -8.08 -9.55
N TYR D 43 26.11 -9.03 -10.04
CA TYR D 43 24.71 -8.82 -10.49
C TYR D 43 23.77 -8.93 -9.28
N PHE D 44 24.05 -9.87 -8.37
CA PHE D 44 23.21 -10.13 -7.16
C PHE D 44 24.09 -10.23 -5.93
N PRO D 45 23.94 -9.34 -4.94
CA PRO D 45 24.75 -9.39 -3.73
C PRO D 45 24.57 -10.68 -2.91
N SER D 46 23.43 -11.35 -3.02
CA SER D 46 23.15 -12.63 -2.32
C SER D 46 22.09 -13.46 -3.04
N LYS D 47 21.98 -14.74 -2.68
CA LYS D 47 20.91 -15.67 -3.10
C LYS D 47 19.54 -15.05 -2.73
N GLU D 48 19.41 -14.47 -1.54
CA GLU D 48 18.14 -13.86 -1.07
C GLU D 48 17.77 -12.70 -2.02
N ALA D 49 18.74 -11.88 -2.43
CA ALA D 49 18.49 -10.74 -3.34
C ALA D 49 18.03 -11.27 -4.70
N LEU D 50 18.60 -12.39 -5.15
CA LEU D 50 18.27 -12.98 -6.45
C LEU D 50 16.80 -13.41 -6.44
N PHE D 51 16.38 -14.13 -5.41
CA PHE D 51 15.00 -14.68 -5.37
C PHE D 51 14.03 -13.51 -5.25
N ALA D 52 14.44 -12.46 -4.54
CA ALA D 52 13.62 -11.25 -4.36
C ALA D 52 13.39 -10.63 -5.74
N SER D 53 14.42 -10.52 -6.58
CA SER D 53 14.31 -9.92 -7.93
C SER D 53 13.32 -10.75 -8.76
N LEU D 54 13.34 -12.07 -8.63
CA LEU D 54 12.48 -13.03 -9.33
C LEU D 54 11.02 -12.83 -8.88
N ILE D 55 10.78 -12.73 -7.58
CA ILE D 55 9.42 -12.50 -7.02
C ILE D 55 8.87 -11.17 -7.57
N VAL D 56 9.61 -10.07 -7.45
CA VAL D 56 9.11 -8.74 -7.89
C VAL D 56 8.85 -8.77 -9.40
N ALA D 57 9.70 -9.36 -10.21
CA ALA D 57 9.54 -9.43 -11.69
C ALA D 57 8.25 -10.18 -12.03
N GLU D 58 8.05 -11.39 -11.51
CA GLU D 58 6.86 -12.23 -11.79
C GLU D 58 5.59 -11.53 -11.27
N CYS D 59 5.60 -10.97 -10.07
CA CYS D 59 4.40 -10.36 -9.47
C CYS D 59 4.02 -9.07 -10.22
N GLU D 60 4.98 -8.24 -10.69
CA GLU D 60 4.70 -6.97 -11.41
C GLU D 60 3.98 -7.32 -12.72
N SER D 61 4.44 -8.43 -13.31
CA SER D 61 4.00 -9.00 -14.61
C SER D 61 2.59 -9.56 -14.49
N LEU D 62 2.35 -10.45 -13.51
CA LEU D 62 1.01 -11.03 -13.25
C LEU D 62 0.04 -9.88 -12.96
N GLN D 63 0.48 -8.81 -12.30
CA GLN D 63 -0.39 -7.66 -11.96
C GLN D 63 -0.81 -6.92 -13.23
N ARG D 64 -0.03 -6.97 -14.30
CA ARG D 64 -0.33 -6.26 -15.57
C ARG D 64 -1.40 -7.04 -16.36
N ASP D 65 -1.39 -8.37 -16.29
CA ASP D 65 -2.36 -9.33 -16.91
C ASP D 65 -3.68 -9.39 -16.14
N LEU D 66 -3.81 -8.63 -15.06
CA LEU D 66 -5.09 -8.53 -14.31
C LEU D 66 -5.65 -7.15 -14.64
N PRO D 67 -6.91 -7.01 -15.08
CA PRO D 67 -7.47 -5.68 -15.31
C PRO D 67 -7.42 -4.87 -14.00
N VAL D 68 -7.56 -3.54 -14.06
CA VAL D 68 -8.13 -2.76 -12.92
C VAL D 68 -9.58 -2.53 -13.30
N PRO D 69 -10.54 -3.15 -12.60
CA PRO D 69 -11.93 -3.11 -13.02
C PRO D 69 -12.39 -1.65 -12.93
N LYS D 70 -13.11 -1.23 -13.98
CA LYS D 70 -13.77 0.08 -14.08
C LYS D 70 -15.28 -0.17 -14.06
N LEU D 71 -15.99 0.57 -13.21
CA LEU D 71 -17.45 0.42 -12.98
C LEU D 71 -18.21 0.72 -14.27
N SER D 72 -17.66 1.60 -15.12
CA SER D 72 -18.20 1.97 -16.46
C SER D 72 -18.44 0.73 -17.33
N ALA D 73 -17.78 -0.40 -17.05
CA ALA D 73 -17.89 -1.68 -17.79
C ALA D 73 -19.16 -2.46 -17.39
N GLY D 74 -19.85 -2.04 -16.31
CA GLY D 74 -20.93 -2.81 -15.66
C GLY D 74 -20.39 -3.54 -14.43
N LEU D 75 -21.15 -3.61 -13.35
CA LEU D 75 -20.67 -4.19 -12.08
C LEU D 75 -20.35 -5.67 -12.29
N SER D 76 -21.34 -6.47 -12.69
CA SER D 76 -21.20 -7.92 -12.95
C SER D 76 -20.05 -8.19 -13.93
N GLU D 77 -19.92 -7.41 -14.99
CA GLU D 77 -18.97 -7.74 -16.09
C GLU D 77 -17.58 -7.45 -15.58
N ALA D 78 -17.41 -6.38 -14.81
CA ALA D 78 -16.11 -5.99 -14.21
C ALA D 78 -15.62 -7.12 -13.30
N LEU D 79 -16.46 -7.60 -12.40
CA LEU D 79 -16.12 -8.66 -11.43
C LEU D 79 -15.88 -9.97 -12.18
N ARG D 80 -16.67 -10.25 -13.20
CA ARG D 80 -16.55 -11.51 -13.96
C ARG D 80 -15.21 -11.46 -14.70
N ASP D 81 -14.80 -10.33 -15.26
CA ASP D 81 -13.52 -10.26 -16.03
C ASP D 81 -12.39 -10.48 -15.03
N PHE D 82 -12.43 -9.84 -13.86
CA PHE D 82 -11.33 -9.89 -12.85
C PHE D 82 -11.21 -11.33 -12.33
N ALA D 83 -12.34 -11.92 -11.96
CA ALA D 83 -12.41 -13.32 -11.52
C ALA D 83 -11.76 -14.25 -12.56
N ARG D 84 -12.11 -14.05 -13.84
CA ARG D 84 -11.65 -14.94 -14.94
C ARG D 84 -10.14 -14.84 -15.05
N GLN D 85 -9.59 -13.62 -15.00
CA GLN D 85 -8.15 -13.38 -15.22
C GLN D 85 -7.43 -13.96 -14.00
N TYR D 86 -8.04 -13.83 -12.80
CA TYR D 86 -7.46 -14.25 -11.51
C TYR D 86 -7.26 -15.77 -11.51
N LEU D 87 -8.29 -16.53 -11.92
CA LEU D 87 -8.19 -18.01 -11.99
C LEU D 87 -7.22 -18.45 -13.08
N HIS D 88 -7.16 -17.75 -14.22
CA HIS D 88 -6.21 -18.11 -15.31
C HIS D 88 -4.80 -17.91 -14.76
N THR D 89 -4.55 -16.83 -14.02
CA THR D 89 -3.19 -16.55 -13.48
C THR D 89 -2.79 -17.65 -12.51
N PHE D 90 -3.72 -18.14 -11.70
CA PHE D 90 -3.51 -19.23 -10.74
C PHE D 90 -3.00 -20.48 -11.43
N ILE D 91 -3.74 -20.88 -12.47
CA ILE D 91 -3.52 -22.20 -13.12
C ILE D 91 -2.21 -22.10 -13.92
N HIS D 92 -2.03 -21.02 -14.70
CA HIS D 92 -1.05 -20.91 -15.81
C HIS D 92 0.17 -20.08 -15.39
N ARG D 93 0.44 -19.91 -14.11
CA ARG D 93 1.60 -19.08 -13.68
C ARG D 93 2.19 -19.58 -12.35
N LYS D 94 3.15 -18.83 -11.83
CA LYS D 94 4.15 -19.30 -10.85
C LYS D 94 3.64 -19.23 -9.40
N ASP D 95 2.54 -18.56 -9.09
CA ASP D 95 2.07 -18.38 -7.68
C ASP D 95 2.17 -19.69 -6.85
N VAL D 96 1.59 -20.80 -7.29
CA VAL D 96 1.66 -22.08 -6.52
C VAL D 96 3.11 -22.59 -6.39
N ALA D 97 3.93 -22.47 -7.44
CA ALA D 97 5.36 -22.82 -7.41
C ALA D 97 6.07 -21.97 -6.34
N PHE D 98 5.86 -20.66 -6.33
CA PHE D 98 6.51 -19.73 -5.36
C PHE D 98 6.15 -20.17 -3.95
N VAL D 99 4.89 -20.51 -3.71
CA VAL D 99 4.40 -20.89 -2.37
C VAL D 99 5.03 -22.22 -1.98
N ARG D 100 5.18 -23.13 -2.93
CA ARG D 100 5.76 -24.46 -2.64
C ARG D 100 7.21 -24.22 -2.20
N ILE D 101 7.94 -23.37 -2.91
CA ILE D 101 9.39 -23.12 -2.69
C ILE D 101 9.56 -22.41 -1.33
N ILE D 102 8.73 -21.42 -1.03
CA ILE D 102 8.86 -20.64 0.22
C ILE D 102 8.40 -21.48 1.43
N ALA D 103 7.32 -22.24 1.27
CA ALA D 103 6.78 -23.12 2.33
C ALA D 103 7.81 -24.19 2.72
N ASN D 104 8.62 -24.61 1.77
CA ASN D 104 9.67 -25.65 1.97
C ASN D 104 10.85 -25.07 2.77
N GLU D 105 10.91 -23.77 2.98
CA GLU D 105 11.97 -23.11 3.78
C GLU D 105 11.58 -23.12 5.26
N SER D 106 10.38 -23.57 5.63
CA SER D 106 9.96 -23.84 7.03
C SER D 106 10.19 -22.63 7.95
N GLY D 107 9.87 -21.43 7.49
CA GLY D 107 9.95 -20.16 8.23
C GLY D 107 11.34 -19.56 8.29
N ARG D 108 12.37 -20.17 7.68
CA ARG D 108 13.79 -19.68 7.67
C ARG D 108 13.89 -18.27 7.02
N PHE D 109 12.98 -17.86 6.11
CA PHE D 109 13.15 -16.64 5.27
C PHE D 109 11.91 -15.74 5.30
N PRO D 110 11.49 -15.24 6.48
CA PRO D 110 10.27 -14.45 6.59
C PRO D 110 10.19 -13.19 5.72
N VAL D 111 11.30 -12.54 5.45
CA VAL D 111 11.29 -11.27 4.66
C VAL D 111 10.91 -11.60 3.22
N LEU D 112 11.44 -12.71 2.65
CA LEU D 112 11.01 -13.25 1.33
C LEU D 112 9.55 -13.66 1.33
N ALA D 113 9.12 -14.36 2.39
CA ALA D 113 7.73 -14.81 2.50
C ALA D 113 6.80 -13.58 2.41
N ARG D 114 7.10 -12.54 3.18
CA ARG D 114 6.21 -11.35 3.20
C ARG D 114 6.31 -10.59 1.87
N LEU D 115 7.47 -10.61 1.22
CA LEU D 115 7.65 -9.86 -0.02
C LEU D 115 6.75 -10.49 -1.07
N PHE D 116 6.73 -11.82 -1.15
CA PHE D 116 5.85 -12.55 -2.09
C PHE D 116 4.39 -12.23 -1.74
N TYR D 117 4.02 -12.27 -0.46
CA TYR D 117 2.62 -12.03 -0.06
C TYR D 117 2.21 -10.62 -0.54
N GLU D 118 3.01 -9.60 -0.25
CA GLU D 118 2.61 -8.19 -0.48
C GLU D 118 2.66 -7.86 -1.97
N SER D 119 3.56 -8.47 -2.73
CA SER D 119 3.75 -8.22 -4.18
C SER D 119 2.65 -8.92 -5.03
N GLY D 120 2.11 -10.02 -4.53
CA GLY D 120 1.18 -10.86 -5.28
C GLY D 120 -0.20 -10.86 -4.67
N PRO D 121 -0.55 -11.90 -3.89
CA PRO D 121 -1.89 -12.01 -3.32
C PRO D 121 -2.44 -10.73 -2.66
N GLU D 122 -1.65 -10.00 -1.84
CA GLU D 122 -2.16 -8.74 -1.22
C GLU D 122 -2.34 -7.67 -2.29
N ALA D 123 -1.47 -7.62 -3.32
CA ALA D 123 -1.61 -6.63 -4.42
C ALA D 123 -2.93 -6.84 -5.15
N THR D 124 -3.28 -8.10 -5.40
CA THR D 124 -4.57 -8.49 -6.06
C THR D 124 -5.74 -8.04 -5.19
N ILE D 125 -5.66 -8.23 -3.88
CA ILE D 125 -6.72 -7.76 -2.96
C ILE D 125 -6.85 -6.23 -3.08
N ARG D 126 -5.76 -5.49 -3.02
CA ARG D 126 -5.78 -4.00 -3.02
C ARG D 126 -6.38 -3.49 -4.32
N ARG D 127 -6.03 -4.05 -5.47
CA ARG D 127 -6.61 -3.61 -6.74
C ARG D 127 -8.10 -3.83 -6.75
N LEU D 128 -8.55 -5.00 -6.33
CA LEU D 128 -10.02 -5.26 -6.32
C LEU D 128 -10.69 -4.30 -5.34
N ALA D 129 -10.10 -4.09 -4.17
CA ALA D 129 -10.67 -3.24 -3.11
C ALA D 129 -10.83 -1.81 -3.61
N GLN D 130 -9.90 -1.26 -4.37
CA GLN D 130 -10.07 0.10 -4.96
C GLN D 130 -11.36 0.11 -5.80
N PHE D 131 -11.56 -0.89 -6.64
CA PHE D 131 -12.78 -0.99 -7.47
C PHE D 131 -14.00 -1.11 -6.57
N LEU D 132 -13.93 -1.88 -5.48
CA LEU D 132 -15.12 -2.06 -4.61
C LEU D 132 -15.46 -0.75 -3.90
N GLU D 133 -14.46 0.08 -3.56
CA GLU D 133 -14.68 1.47 -3.05
C GLU D 133 -15.49 2.28 -4.04
N GLU D 134 -15.11 2.28 -5.33
CA GLU D 134 -15.81 3.05 -6.40
C GLU D 134 -17.28 2.58 -6.42
N ALA D 135 -17.51 1.28 -6.37
CA ALA D 135 -18.85 0.67 -6.49
C ALA D 135 -19.68 1.00 -5.25
N ARG D 136 -19.05 1.05 -4.06
CA ARG D 136 -19.79 1.42 -2.84
C ARG D 136 -20.14 2.92 -2.88
N ALA D 137 -19.23 3.75 -3.34
CA ALA D 137 -19.41 5.21 -3.49
C ALA D 137 -20.57 5.47 -4.47
N ALA D 138 -20.70 4.66 -5.52
CA ALA D 138 -21.81 4.73 -6.49
C ALA D 138 -23.07 4.04 -5.94
N ARG D 139 -23.06 3.59 -4.67
CA ARG D 139 -24.24 3.06 -3.96
C ARG D 139 -24.82 1.81 -4.65
N VAL D 140 -23.97 0.99 -5.26
CA VAL D 140 -24.41 -0.21 -6.04
C VAL D 140 -23.84 -1.50 -5.41
N LEU D 141 -23.02 -1.39 -4.35
CA LEU D 141 -22.66 -2.45 -3.37
C LEU D 141 -22.63 -1.84 -1.97
N GLU D 142 -22.88 -2.63 -0.92
CA GLU D 142 -22.64 -2.22 0.49
C GLU D 142 -21.90 -3.32 1.26
N PHE D 143 -20.95 -2.89 2.09
CA PHE D 143 -20.00 -3.69 2.88
C PHE D 143 -19.25 -2.70 3.79
N ASP D 144 -18.68 -3.13 4.92
CA ASP D 144 -17.99 -2.22 5.88
C ASP D 144 -16.55 -1.94 5.41
N ASP D 145 -15.75 -2.93 5.03
CA ASP D 145 -14.32 -2.72 4.67
C ASP D 145 -14.04 -3.27 3.27
N PRO D 146 -13.47 -2.47 2.35
CA PRO D 146 -13.21 -2.93 0.98
C PRO D 146 -12.20 -4.06 0.86
N GLU D 148 -11.53 -6.42 3.25
CA GLU D 148 -12.32 -7.54 3.73
C GLU D 148 -13.24 -8.05 2.58
N ALA D 149 -13.94 -7.19 1.87
CA ALA D 149 -14.88 -7.59 0.81
C ALA D 149 -14.13 -8.18 -0.39
N ALA D 150 -12.98 -7.63 -0.76
CA ALA D 150 -12.18 -8.15 -1.89
C ALA D 150 -11.70 -9.56 -1.53
N ASN D 151 -11.30 -9.76 -0.28
CA ASN D 151 -10.80 -11.08 0.17
C ASN D 151 -11.93 -12.12 0.07
N GLN D 152 -13.16 -11.71 0.41
CA GLN D 152 -14.37 -12.57 0.40
C GLN D 152 -14.64 -12.97 -1.05
N PHE D 153 -14.62 -12.00 -1.96
CA PHE D 153 -14.89 -12.29 -3.38
C PHE D 153 -13.87 -13.31 -3.91
N LEU D 154 -12.60 -13.07 -3.64
CA LEU D 154 -11.49 -13.92 -4.14
C LEU D 154 -11.57 -15.30 -3.49
N SER D 155 -11.90 -15.37 -2.21
CA SER D 155 -12.11 -16.66 -1.49
C SER D 155 -13.24 -17.48 -2.14
N LEU D 156 -14.35 -16.84 -2.50
CA LEU D 156 -15.53 -17.54 -3.03
C LEU D 156 -15.17 -18.18 -4.38
N VAL D 157 -14.50 -17.41 -5.22
CA VAL D 157 -14.20 -17.69 -6.65
C VAL D 157 -13.07 -18.72 -6.73
N ARG D 158 -12.10 -18.62 -5.84
CA ARG D 158 -10.94 -19.53 -5.71
C ARG D 158 -11.38 -20.88 -5.10
N GLY D 159 -12.30 -20.85 -4.12
CA GLY D 159 -12.78 -22.05 -3.41
C GLY D 159 -11.64 -22.96 -3.01
N GLU D 160 -11.65 -24.21 -3.47
CA GLU D 160 -10.68 -25.24 -3.00
C GLU D 160 -9.67 -25.54 -4.11
N LEU D 161 -9.61 -24.70 -5.12
CA LEU D 161 -8.74 -24.87 -6.30
C LEU D 161 -7.28 -25.05 -5.91
N PRO D 162 -6.71 -24.28 -4.97
CA PRO D 162 -5.28 -24.45 -4.65
C PRO D 162 -4.98 -25.87 -4.17
N LEU D 163 -5.90 -26.43 -3.37
CA LEU D 163 -5.75 -27.80 -2.82
C LEU D 163 -5.86 -28.81 -3.98
N LEU D 164 -6.87 -28.66 -4.84
CA LEU D 164 -7.04 -29.57 -5.99
C LEU D 164 -5.75 -29.54 -6.84
N ILE D 165 -5.14 -28.38 -7.05
CA ILE D 165 -3.95 -28.24 -7.93
C ILE D 165 -2.81 -29.02 -7.29
N VAL D 166 -2.57 -28.77 -6.02
CA VAL D 166 -1.44 -29.40 -5.27
C VAL D 166 -1.61 -30.92 -5.19
N LEU D 167 -2.83 -31.43 -5.14
CA LEU D 167 -3.12 -32.88 -5.11
C LEU D 167 -3.08 -33.48 -6.52
N GLY D 168 -2.83 -32.69 -7.56
CA GLY D 168 -2.92 -33.10 -8.97
C GLY D 168 -4.33 -33.50 -9.43
N LEU D 169 -5.39 -32.89 -8.92
CA LEU D 169 -6.77 -33.27 -9.29
C LEU D 169 -7.50 -32.15 -10.00
N SER D 170 -6.88 -30.99 -10.21
CA SER D 170 -7.56 -29.86 -10.86
C SER D 170 -7.54 -30.09 -12.36
N ASP D 171 -8.72 -30.10 -12.97
CA ASP D 171 -8.85 -30.49 -14.39
C ASP D 171 -9.85 -29.53 -15.01
N LEU D 172 -9.45 -28.26 -15.06
CA LEU D 172 -10.42 -27.15 -15.25
C LEU D 172 -10.30 -26.58 -16.67
N THR D 173 -11.24 -27.02 -17.50
CA THR D 173 -11.57 -26.48 -18.85
C THR D 173 -12.07 -25.05 -18.66
N GLU D 174 -12.06 -24.24 -19.73
CA GLU D 174 -12.63 -22.87 -19.72
C GLU D 174 -14.09 -22.89 -19.26
N GLU D 175 -14.85 -23.93 -19.60
CA GLU D 175 -16.30 -24.02 -19.30
C GLU D 175 -16.50 -24.17 -17.78
N ALA D 176 -15.60 -24.93 -17.15
CA ALA D 176 -15.63 -25.26 -15.71
C ALA D 176 -15.24 -24.01 -14.90
N ILE D 177 -14.29 -23.22 -15.44
CA ILE D 177 -13.88 -21.91 -14.88
C ILE D 177 -15.10 -20.97 -14.87
N GLU D 178 -15.87 -20.85 -15.95
CA GLU D 178 -17.01 -19.90 -16.00
C GLU D 178 -18.04 -20.31 -14.94
N GLN D 179 -18.14 -21.61 -14.63
CA GLN D 179 -19.16 -22.10 -13.66
C GLN D 179 -18.73 -21.72 -12.24
N GLU D 180 -17.44 -21.89 -11.93
CA GLU D 180 -16.80 -21.49 -10.64
C GLU D 180 -17.01 -19.98 -10.45
N ILE D 181 -16.80 -19.18 -11.49
CA ILE D 181 -16.88 -17.70 -11.41
C ILE D 181 -18.33 -17.29 -11.21
N GLU D 182 -19.25 -17.91 -11.93
CA GLU D 182 -20.68 -17.53 -11.92
C GLU D 182 -21.27 -17.74 -10.51
N ALA D 183 -20.86 -18.83 -9.85
CA ALA D 183 -21.41 -19.26 -8.56
C ALA D 183 -20.90 -18.31 -7.46
N GLY D 184 -19.61 -17.98 -7.52
CA GLY D 184 -18.94 -17.05 -6.59
C GLY D 184 -19.54 -15.68 -6.71
N LEU D 185 -19.78 -15.25 -7.94
CA LEU D 185 -20.31 -13.90 -8.23
C LEU D 185 -21.77 -13.79 -7.76
N LYS D 186 -22.59 -14.80 -8.08
CA LYS D 186 -24.02 -14.85 -7.68
C LYS D 186 -24.07 -14.64 -6.16
N PHE D 187 -23.20 -15.33 -5.44
CA PHE D 187 -23.21 -15.38 -3.97
C PHE D 187 -22.76 -14.03 -3.40
N PHE D 188 -21.70 -13.48 -3.97
CA PHE D 188 -21.12 -12.19 -3.56
C PHE D 188 -22.16 -11.09 -3.69
N LEU D 189 -22.88 -11.09 -4.80
CA LEU D 189 -23.95 -10.08 -5.06
C LEU D 189 -25.14 -10.33 -4.12
N LYS D 190 -25.53 -11.57 -3.86
CA LYS D 190 -26.62 -11.85 -2.88
C LYS D 190 -26.26 -11.17 -1.55
N ALA D 191 -24.99 -11.09 -1.19
CA ALA D 191 -24.55 -10.60 0.14
C ALA D 191 -24.32 -9.08 0.15
N CYS D 192 -24.06 -8.44 -0.99
CA CYS D 192 -23.54 -7.05 -1.04
C CYS D 192 -24.47 -6.08 -1.79
N GLN D 193 -25.37 -6.55 -2.66
CA GLN D 193 -26.31 -5.64 -3.37
C GLN D 193 -27.34 -5.08 -2.39
N PRO D 194 -27.72 -3.79 -2.50
CA PRO D 194 -28.91 -3.27 -1.80
C PRO D 194 -30.21 -4.05 -2.16
N ARG D 195 -31.07 -4.34 -1.16
CA ARG D 195 -32.25 -5.28 -1.25
C ARG D 195 -33.56 -4.48 -1.33
#